data_1XKZ
#
_entry.id   1XKZ
#
_cell.length_a   59.205
_cell.length_b   109.791
_cell.length_c   91.605
_cell.angle_alpha   90.00
_cell.angle_beta   106.13
_cell.angle_gamma   90.00
#
_symmetry.space_group_name_H-M   'P 1 21 1'
#
loop_
_entity.id
_entity.type
_entity.pdbx_description
1 polymer 'Regulatory protein blaR1'
2 non-polymer 'ACYLATED CEFTAZIDIME'
3 non-polymer 'SULFATE ION'
4 non-polymer '4-(2-HYDROXYETHYL)-1-PIPERAZINE ETHANESULFONIC ACID'
5 water water
#
_entity_poly.entity_id   1
_entity_poly.type   'polypeptide(L)'
_entity_poly.pdbx_seq_one_letter_code
;GQSITDYNYKKPLHNDYQILDKSKIFGSNSGSFVMYSMKKDKYYIYNEKESRKRYSPNSTYKIYLAMFGLDRHIINDENS
RMSWNHKHYPFDAWNKEQDLNTAMQNSVNWYFERISDQIPKNYTATQLKQLNYGNKNLGSYKSYWMEDSLKISNLEQVIV
FKNMMEQNNHFSKKAKNQLSSSLLIKKNEKYELYGKTGTGIVNGKYNNGWFVGYVITNHDKYYFATHLSDGKPSGKNAEL
ISEKILKEMGVLNGQ
;
_entity_poly.pdbx_strand_id   A,B,C,D
#
# COMPACT_ATOMS: atom_id res chain seq x y z
N ASN A 8 -34.54 11.88 -35.51
CA ASN A 8 -35.68 10.99 -35.08
C ASN A 8 -35.47 9.48 -35.37
N TYR A 9 -35.98 8.65 -34.45
CA TYR A 9 -35.95 7.18 -34.52
C TYR A 9 -37.29 6.74 -35.13
N LYS A 10 -37.24 6.02 -36.25
CA LYS A 10 -38.47 5.61 -36.91
C LYS A 10 -38.87 4.14 -36.90
N LYS A 11 -37.94 3.23 -36.59
CA LYS A 11 -38.21 1.79 -36.54
C LYS A 11 -39.41 1.42 -35.66
N PRO A 12 -40.35 0.61 -36.21
CA PRO A 12 -41.52 0.22 -35.42
C PRO A 12 -41.17 -0.63 -34.25
N LEU A 13 -42.02 -0.60 -33.22
CA LEU A 13 -41.82 -1.51 -32.10
C LEU A 13 -42.48 -2.83 -32.58
N HIS A 14 -41.81 -3.94 -32.32
CA HIS A 14 -42.32 -5.24 -32.72
C HIS A 14 -42.70 -6.03 -31.48
N ASN A 15 -43.11 -5.30 -30.44
CA ASN A 15 -43.50 -5.88 -29.16
C ASN A 15 -44.78 -5.23 -28.65
N ASP A 16 -45.35 -5.86 -27.62
CA ASP A 16 -46.54 -5.33 -26.96
C ASP A 16 -46.12 -4.06 -26.24
N TYR A 17 -47.06 -3.12 -26.14
CA TYR A 17 -46.77 -1.87 -25.47
C TYR A 17 -47.99 -1.22 -24.92
N GLN A 18 -47.79 -0.43 -23.88
CA GLN A 18 -48.86 0.35 -23.28
C GLN A 18 -48.50 1.80 -23.34
N ILE A 19 -49.41 2.63 -23.83
CA ILE A 19 -49.17 4.06 -23.88
C ILE A 19 -49.65 4.64 -22.56
N LEU A 20 -48.78 5.39 -21.88
CA LEU A 20 -49.08 6.01 -20.58
C LEU A 20 -49.27 7.50 -20.61
N ASP A 21 -49.94 8.00 -19.59
CA ASP A 21 -50.07 9.44 -19.43
C ASP A 21 -49.51 9.77 -18.04
N LYS A 22 -48.22 10.14 -18.02
CA LYS A 22 -47.56 10.48 -16.75
C LYS A 22 -47.34 12.00 -16.71
N SER A 23 -48.21 12.72 -17.44
CA SER A 23 -48.16 14.18 -17.59
C SER A 23 -48.12 14.93 -16.31
N LYS A 24 -48.90 14.45 -15.34
CA LYS A 24 -48.96 15.07 -14.03
C LYS A 24 -47.65 15.02 -13.27
N ILE A 25 -46.97 13.87 -13.32
CA ILE A 25 -45.67 13.74 -12.61
C ILE A 25 -44.61 14.68 -13.19
N PHE A 26 -44.61 14.78 -14.51
CA PHE A 26 -43.67 15.63 -15.24
C PHE A 26 -43.92 17.09 -14.86
N GLY A 27 -45.21 17.42 -14.73
CA GLY A 27 -45.64 18.76 -14.33
C GLY A 27 -45.09 19.86 -15.19
N SER A 28 -44.37 20.78 -14.52
CA SER A 28 -43.73 21.96 -15.14
C SER A 28 -42.71 21.57 -16.20
N ASN A 29 -42.15 20.36 -16.06
CA ASN A 29 -41.18 19.83 -17.01
C ASN A 29 -41.83 19.08 -18.17
N SER A 30 -41.08 18.94 -19.25
CA SER A 30 -41.55 18.26 -20.44
C SER A 30 -40.55 17.23 -20.91
N GLY A 31 -41.03 16.18 -21.60
CA GLY A 31 -40.14 15.15 -22.14
C GLY A 31 -40.85 13.83 -22.28
N SER A 32 -40.14 12.72 -22.03
CA SER A 32 -40.72 11.39 -22.18
C SER A 32 -40.20 10.35 -21.20
N PHE A 33 -40.92 9.22 -21.12
CA PHE A 33 -40.56 8.08 -20.26
C PHE A 33 -40.81 6.76 -21.00
N VAL A 34 -39.84 5.84 -20.90
CA VAL A 34 -39.96 4.54 -21.53
C VAL A 34 -39.51 3.44 -20.53
N MET A 35 -40.30 2.38 -20.41
CA MET A 35 -39.90 1.24 -19.55
C MET A 35 -40.11 -0.04 -20.34
N TYR A 36 -39.31 -1.04 -20.02
CA TYR A 36 -39.40 -2.36 -20.61
C TYR A 36 -39.35 -3.39 -19.51
N SER A 37 -40.32 -4.31 -19.53
CA SER A 37 -40.35 -5.39 -18.57
C SER A 37 -39.77 -6.64 -19.21
N MET A 38 -38.80 -7.29 -18.55
CA MET A 38 -38.18 -8.52 -19.09
C MET A 38 -39.17 -9.67 -19.08
N LYS A 39 -39.88 -9.86 -17.95
CA LYS A 39 -40.83 -10.97 -17.83
C LYS A 39 -42.04 -10.81 -18.73
N LYS A 40 -42.64 -9.62 -18.74
CA LYS A 40 -43.80 -9.36 -19.58
C LYS A 40 -43.48 -9.08 -21.06
N ASP A 41 -42.20 -8.83 -21.41
CA ASP A 41 -41.78 -8.53 -22.81
C ASP A 41 -42.66 -7.42 -23.41
N LYS A 42 -42.74 -6.33 -22.64
CA LYS A 42 -43.62 -5.22 -22.93
C LYS A 42 -43.00 -3.87 -22.62
N TYR A 43 -43.33 -2.90 -23.47
CA TYR A 43 -42.88 -1.55 -23.31
C TYR A 43 -44.04 -0.72 -22.80
N TYR A 44 -43.67 0.32 -22.06
CA TYR A 44 -44.59 1.24 -21.47
C TYR A 44 -44.01 2.58 -21.86
N ILE A 45 -44.81 3.41 -22.52
CA ILE A 45 -44.30 4.68 -23.03
C ILE A 45 -45.17 5.88 -22.75
N TYR A 46 -44.56 6.92 -22.18
CA TYR A 46 -45.22 8.20 -21.99
C TYR A 46 -44.60 9.16 -23.03
N ASN A 47 -45.50 9.88 -23.73
CA ASN A 47 -45.11 10.85 -24.76
C ASN A 47 -44.33 10.17 -25.89
N GLU A 48 -45.07 9.37 -26.66
CA GLU A 48 -44.57 8.56 -27.78
C GLU A 48 -43.78 9.31 -28.85
N LYS A 49 -44.26 10.51 -29.18
CA LYS A 49 -43.63 11.34 -30.19
C LYS A 49 -42.23 11.79 -29.73
N GLU A 50 -42.16 12.36 -28.51
CA GLU A 50 -40.91 12.86 -27.94
C GLU A 50 -39.93 11.72 -27.68
N SER A 51 -40.47 10.54 -27.34
CA SER A 51 -39.66 9.35 -27.04
C SER A 51 -38.84 8.89 -28.22
N ARG A 52 -39.27 9.33 -29.41
CA ARG A 52 -38.57 8.98 -30.62
C ARG A 52 -37.63 10.07 -31.14
N LYS A 53 -37.66 11.25 -30.53
CA LYS A 53 -36.76 12.33 -30.96
C LYS A 53 -35.34 12.04 -30.46
N ARG A 54 -34.34 12.18 -31.31
CA ARG A 54 -32.93 11.90 -30.94
C ARG A 54 -32.18 13.10 -30.38
N TYR A 55 -31.52 12.86 -29.24
CA TYR A 55 -30.77 13.90 -28.52
C TYR A 55 -29.41 13.37 -28.09
N SER A 56 -28.44 14.27 -27.88
CA SER A 56 -27.12 13.83 -27.40
C SER A 56 -27.29 13.08 -26.05
N PRO A 57 -26.57 11.97 -25.87
CA PRO A 57 -26.66 11.18 -24.66
C PRO A 57 -25.92 11.79 -23.46
N ASN A 58 -25.17 12.81 -23.61
CA ASN A 58 -24.11 13.42 -22.82
C ASN A 58 -23.54 12.37 -21.80
N SER A 59 -23.64 12.55 -20.45
CA SER A 59 -23.06 11.60 -19.46
C SER A 59 -23.68 10.15 -19.48
N THR A 60 -24.90 9.94 -20.09
CA THR A 60 -25.42 8.51 -20.07
C THR A 60 -24.57 7.65 -21.00
N TYR A 61 -23.74 8.33 -21.81
CA TYR A 61 -22.79 7.58 -22.66
C TYR A 61 -21.61 6.99 -21.89
N LYS A 62 -21.44 7.42 -20.64
CA LYS A 62 -20.41 6.88 -19.73
C LYS A 62 -20.66 5.40 -19.50
N ILE A 63 -21.92 5.02 -19.65
CA ILE A 63 -22.29 3.60 -19.50
C ILE A 63 -21.52 2.82 -20.59
N TYR A 64 -21.54 3.35 -21.80
CA TYR A 64 -20.90 2.70 -22.95
C TYR A 64 -19.38 2.83 -22.98
N LEU A 65 -18.86 3.97 -22.53
CA LEU A 65 -17.40 4.13 -22.49
C LEU A 65 -16.81 3.21 -21.45
N ALA A 66 -17.55 2.95 -20.37
CA ALA A 66 -17.09 2.06 -19.30
C ALA A 66 -17.06 0.60 -19.84
N MET A 67 -18.10 0.22 -20.61
CA MET A 67 -18.20 -1.13 -21.21
C MET A 67 -17.02 -1.36 -22.17
N PHE A 68 -16.79 -0.34 -23.00
CA PHE A 68 -15.72 -0.34 -24.00
C PHE A 68 -14.39 -0.39 -23.33
N GLY A 69 -14.27 0.36 -22.23
CA GLY A 69 -13.06 0.40 -21.42
C GLY A 69 -12.77 -0.94 -20.78
N LEU A 70 -13.83 -1.66 -20.41
CA LEU A 70 -13.68 -2.99 -19.81
C LEU A 70 -13.37 -4.05 -20.90
N ASP A 71 -14.00 -3.91 -22.07
CA ASP A 71 -13.81 -4.83 -23.21
C ASP A 71 -12.38 -4.79 -23.74
N ARG A 72 -11.87 -3.57 -23.92
CA ARG A 72 -10.51 -3.34 -24.45
C ARG A 72 -9.39 -3.40 -23.39
N HIS A 73 -9.76 -3.81 -22.17
CA HIS A 73 -8.88 -3.90 -21.00
C HIS A 73 -8.08 -2.62 -20.69
N ILE A 74 -8.77 -1.47 -20.81
CA ILE A 74 -8.19 -0.14 -20.50
C ILE A 74 -8.36 0.02 -18.99
N ILE A 75 -9.48 -0.53 -18.50
CA ILE A 75 -9.86 -0.56 -17.09
C ILE A 75 -10.09 -2.07 -16.88
N ASN A 76 -9.90 -2.57 -15.65
CA ASN A 76 -10.06 -3.99 -15.37
C ASN A 76 -10.68 -4.29 -14.00
N ASP A 77 -10.94 -5.58 -13.78
CA ASP A 77 -11.51 -6.13 -12.54
C ASP A 77 -10.70 -5.79 -11.30
N GLU A 78 -9.38 -6.03 -11.40
CA GLU A 78 -8.41 -5.77 -10.33
C GLU A 78 -8.12 -4.27 -10.18
N ASN A 79 -8.08 -3.57 -11.32
CA ASN A 79 -7.84 -2.14 -11.28
C ASN A 79 -8.57 -1.24 -12.28
N SER A 80 -9.42 -0.36 -11.74
CA SER A 80 -10.16 0.64 -12.52
C SER A 80 -9.70 2.04 -12.07
N ARG A 81 -8.69 2.06 -11.18
CA ARG A 81 -8.13 3.29 -10.62
C ARG A 81 -7.38 4.15 -11.64
N MET A 82 -7.66 5.45 -11.58
CA MET A 82 -7.04 6.49 -12.40
C MET A 82 -6.65 7.68 -11.51
N SER A 83 -5.38 8.06 -11.57
CA SER A 83 -4.86 9.17 -10.77
C SER A 83 -5.32 10.52 -11.33
N TRP A 84 -5.51 11.43 -10.41
CA TRP A 84 -5.86 12.80 -10.69
C TRP A 84 -4.57 13.52 -11.19
N ASN A 85 -4.71 14.33 -12.24
CA ASN A 85 -3.58 15.09 -12.82
C ASN A 85 -3.32 16.42 -12.09
N HIS A 86 -4.04 16.64 -10.99
CA HIS A 86 -3.97 17.84 -10.17
C HIS A 86 -4.64 19.11 -10.70
N LYS A 87 -5.26 19.04 -11.87
CA LYS A 87 -5.96 20.20 -12.45
C LYS A 87 -7.20 20.50 -11.60
N HIS A 88 -7.49 21.78 -11.37
CA HIS A 88 -8.66 22.14 -10.57
C HIS A 88 -9.93 22.07 -11.42
N TYR A 89 -10.89 21.28 -10.94
CA TYR A 89 -12.17 21.12 -11.60
C TYR A 89 -13.22 21.85 -10.77
N PRO A 90 -14.35 22.30 -11.39
CA PRO A 90 -15.40 23.01 -10.65
C PRO A 90 -16.17 22.24 -9.63
N PHE A 91 -16.00 20.90 -9.65
CA PHE A 91 -16.68 20.02 -8.68
C PHE A 91 -15.66 19.36 -7.79
N ASP A 92 -15.88 19.49 -6.49
CA ASP A 92 -14.98 18.94 -5.49
C ASP A 92 -14.75 17.44 -5.65
N ALA A 93 -15.81 16.69 -6.04
CA ALA A 93 -15.67 15.24 -6.21
C ALA A 93 -14.78 14.79 -7.37
N TRP A 94 -14.46 15.72 -8.27
CA TRP A 94 -13.61 15.39 -9.41
C TRP A 94 -12.12 15.58 -9.09
N ASN A 95 -11.88 16.37 -8.05
CA ASN A 95 -10.53 16.76 -7.61
C ASN A 95 -9.79 15.73 -6.71
N LYS A 96 -9.80 14.49 -7.18
CA LYS A 96 -9.18 13.34 -6.51
C LYS A 96 -9.04 12.18 -7.44
N GLU A 97 -8.35 11.14 -6.96
CA GLU A 97 -8.11 9.87 -7.64
C GLU A 97 -9.49 9.24 -7.83
N GLN A 98 -9.65 8.43 -8.87
CA GLN A 98 -10.95 7.78 -9.09
C GLN A 98 -10.83 6.32 -9.49
N ASP A 99 -11.94 5.61 -9.29
CA ASP A 99 -12.10 4.25 -9.81
C ASP A 99 -13.45 4.30 -10.55
N LEU A 100 -13.81 3.22 -11.24
CA LEU A 100 -15.06 3.17 -12.01
C LEU A 100 -16.29 3.58 -11.21
N ASN A 101 -16.31 3.14 -9.94
CA ASN A 101 -17.43 3.43 -9.06
C ASN A 101 -17.57 4.87 -8.64
N THR A 102 -16.46 5.51 -8.26
CA THR A 102 -16.52 6.89 -7.81
C THR A 102 -16.78 7.79 -9.05
N ALA A 103 -16.18 7.41 -10.18
CA ALA A 103 -16.25 8.15 -11.44
C ALA A 103 -17.69 8.12 -11.98
N MET A 104 -18.29 6.94 -11.95
CA MET A 104 -19.68 6.83 -12.40
C MET A 104 -20.65 7.57 -11.44
N GLN A 105 -20.50 7.37 -10.13
CA GLN A 105 -21.37 8.01 -9.13
C GLN A 105 -21.34 9.55 -9.16
N ASN A 106 -20.12 10.07 -9.33
CA ASN A 106 -19.95 11.52 -9.33
C ASN A 106 -19.83 12.16 -10.71
N SER A 107 -20.15 11.38 -11.75
CA SER A 107 -20.10 11.73 -13.15
C SER A 107 -18.81 12.52 -13.47
N VAL A 108 -17.69 11.91 -13.14
CA VAL A 108 -16.40 12.58 -13.37
C VAL A 108 -16.00 12.53 -14.84
N ASN A 109 -16.27 13.62 -15.58
CA ASN A 109 -15.97 13.65 -17.01
C ASN A 109 -14.58 13.23 -17.42
N TRP A 110 -13.56 13.73 -16.68
CA TRP A 110 -12.18 13.41 -17.06
C TRP A 110 -11.79 11.94 -17.16
N TYR A 111 -12.38 11.13 -16.27
CA TYR A 111 -12.17 9.65 -16.20
C TYR A 111 -12.59 8.99 -17.51
N PHE A 112 -13.81 9.33 -17.95
CA PHE A 112 -14.31 8.75 -19.16
C PHE A 112 -13.73 9.34 -20.42
N GLU A 113 -13.25 10.57 -20.35
CA GLU A 113 -12.62 11.19 -21.52
C GLU A 113 -11.28 10.47 -21.75
N ARG A 114 -10.61 10.09 -20.66
CA ARG A 114 -9.32 9.40 -20.72
C ARG A 114 -9.47 7.99 -21.33
N ILE A 115 -10.62 7.35 -21.09
CA ILE A 115 -10.92 6.05 -21.66
C ILE A 115 -11.21 6.28 -23.15
N SER A 116 -12.03 7.27 -23.49
CA SER A 116 -12.38 7.53 -24.90
C SER A 116 -11.15 7.79 -25.80
N ASP A 117 -10.18 8.51 -25.28
CA ASP A 117 -8.94 8.84 -26.02
C ASP A 117 -8.07 7.62 -26.38
N GLN A 118 -8.29 6.52 -25.68
CA GLN A 118 -7.54 5.29 -25.92
C GLN A 118 -8.27 4.31 -26.85
N ILE A 119 -9.45 4.71 -27.33
CA ILE A 119 -10.27 3.86 -28.21
C ILE A 119 -10.21 4.36 -29.66
N PRO A 120 -9.84 3.48 -30.63
CA PRO A 120 -9.80 3.94 -32.03
C PRO A 120 -11.21 4.05 -32.64
N LYS A 121 -11.42 5.01 -33.56
CA LYS A 121 -12.73 5.22 -34.21
C LYS A 121 -13.33 3.95 -34.80
N ASN A 122 -12.45 3.07 -35.29
CA ASN A 122 -12.78 1.79 -35.91
C ASN A 122 -13.59 0.90 -34.96
N TYR A 123 -13.06 0.69 -33.75
CA TYR A 123 -13.73 -0.14 -32.74
C TYR A 123 -15.11 0.43 -32.37
N THR A 124 -15.15 1.74 -32.12
CA THR A 124 -16.38 2.42 -31.74
C THR A 124 -17.46 2.33 -32.80
N ALA A 125 -17.07 2.58 -34.06
CA ALA A 125 -18.02 2.55 -35.17
C ALA A 125 -18.74 1.21 -35.34
N THR A 126 -18.03 0.13 -34.99
CA THR A 126 -18.53 -1.24 -35.11
C THR A 126 -19.41 -1.62 -33.91
N GLN A 127 -19.08 -1.08 -32.74
CA GLN A 127 -19.88 -1.32 -31.54
C GLN A 127 -21.18 -0.58 -31.67
N LEU A 128 -21.12 0.66 -32.16
CA LEU A 128 -22.34 1.45 -32.32
C LEU A 128 -23.28 0.86 -33.36
N LYS A 129 -22.69 0.23 -34.38
CA LYS A 129 -23.43 -0.45 -35.45
C LYS A 129 -24.05 -1.73 -34.86
N GLN A 130 -23.27 -2.46 -34.06
CA GLN A 130 -23.70 -3.70 -33.40
C GLN A 130 -24.83 -3.42 -32.40
N LEU A 131 -24.69 -2.30 -31.69
CA LEU A 131 -25.65 -1.94 -30.66
C LEU A 131 -26.85 -1.19 -31.14
N ASN A 132 -26.84 -0.75 -32.42
CA ASN A 132 -27.90 0.07 -33.03
C ASN A 132 -28.02 1.40 -32.22
N TYR A 133 -26.86 1.97 -31.93
CA TYR A 133 -26.82 3.21 -31.12
C TYR A 133 -27.20 4.52 -31.79
N GLY A 134 -28.48 4.89 -31.68
CA GLY A 134 -29.00 6.13 -32.24
C GLY A 134 -28.65 6.39 -33.69
N ASN A 135 -28.18 7.61 -33.96
CA ASN A 135 -27.76 7.97 -35.31
C ASN A 135 -26.36 7.49 -35.67
N LYS A 136 -25.69 6.77 -34.75
CA LYS A 136 -24.31 6.24 -34.91
C LYS A 136 -23.27 7.26 -35.43
N ASN A 137 -23.63 8.54 -35.34
CA ASN A 137 -22.79 9.63 -35.86
C ASN A 137 -21.65 10.01 -34.92
N LEU A 138 -20.43 9.55 -35.25
CA LEU A 138 -19.27 9.82 -34.44
C LEU A 138 -18.58 11.17 -34.77
N GLY A 139 -19.00 11.82 -35.85
CA GLY A 139 -18.46 13.10 -36.28
C GLY A 139 -16.96 13.22 -36.36
N SER A 140 -16.43 14.28 -35.75
CA SER A 140 -14.98 14.57 -35.71
C SER A 140 -14.23 13.67 -34.73
N TYR A 141 -14.98 12.79 -34.06
CA TYR A 141 -14.46 11.83 -33.07
C TYR A 141 -13.62 12.42 -31.94
N LYS A 142 -14.13 13.47 -31.30
CA LYS A 142 -13.43 14.09 -30.18
C LYS A 142 -14.32 13.85 -28.94
N SER A 143 -15.12 14.83 -28.48
CA SER A 143 -16.02 14.55 -27.32
C SER A 143 -17.40 14.48 -28.00
N TYR A 144 -17.52 13.53 -28.93
CA TYR A 144 -18.70 13.35 -29.78
C TYR A 144 -20.02 13.09 -29.05
N TRP A 145 -19.91 12.56 -27.83
CA TRP A 145 -21.10 12.26 -27.04
C TRP A 145 -21.55 13.47 -26.22
N MET A 146 -20.73 14.53 -26.20
CA MET A 146 -21.05 15.75 -25.45
C MET A 146 -21.71 16.87 -26.27
N GLU A 147 -23.04 16.83 -26.35
CA GLU A 147 -23.86 17.80 -27.10
C GLU A 147 -23.25 18.08 -28.46
N ASP A 148 -22.93 16.99 -29.12
CA ASP A 148 -22.28 17.06 -30.40
C ASP A 148 -23.02 16.27 -31.47
N SER A 149 -22.28 15.43 -32.21
CA SER A 149 -22.79 14.66 -33.34
C SER A 149 -23.69 13.47 -33.02
N LEU A 150 -23.29 12.69 -31.99
CA LEU A 150 -24.01 11.49 -31.57
C LEU A 150 -25.33 11.79 -30.84
N LYS A 151 -26.41 11.18 -31.37
CA LYS A 151 -27.72 11.42 -30.82
C LYS A 151 -28.49 10.12 -30.70
N ILE A 152 -29.31 10.01 -29.65
CA ILE A 152 -30.11 8.81 -29.40
C ILE A 152 -31.45 9.19 -28.80
N SER A 153 -32.49 8.41 -29.11
CA SER A 153 -33.79 8.74 -28.57
C SER A 153 -33.97 8.03 -27.23
N ASN A 154 -34.97 8.48 -26.48
CA ASN A 154 -35.27 7.92 -25.15
C ASN A 154 -35.73 6.46 -25.32
N LEU A 155 -36.53 6.23 -26.36
CA LEU A 155 -36.95 4.84 -26.67
C LEU A 155 -35.72 3.97 -26.94
N GLU A 156 -34.79 4.48 -27.74
CA GLU A 156 -33.59 3.76 -28.02
C GLU A 156 -32.67 3.53 -26.82
N GLN A 157 -32.65 4.45 -25.85
CA GLN A 157 -31.79 4.25 -24.68
C GLN A 157 -32.20 2.97 -23.94
N VAL A 158 -33.50 2.67 -23.94
CA VAL A 158 -33.99 1.46 -23.29
C VAL A 158 -33.69 0.22 -24.15
N ILE A 159 -34.09 0.27 -25.42
CA ILE A 159 -33.86 -0.87 -26.30
C ILE A 159 -32.38 -1.21 -26.36
N VAL A 160 -31.51 -0.22 -26.61
CA VAL A 160 -30.07 -0.47 -26.71
C VAL A 160 -29.42 -1.01 -25.41
N PHE A 161 -29.75 -0.44 -24.26
CA PHE A 161 -29.18 -0.87 -22.98
C PHE A 161 -29.65 -2.30 -22.64
N LYS A 162 -30.96 -2.53 -22.74
CA LYS A 162 -31.51 -3.88 -22.49
C LYS A 162 -30.81 -4.91 -23.38
N ASN A 163 -30.68 -4.58 -24.66
CA ASN A 163 -30.04 -5.49 -25.59
C ASN A 163 -28.60 -5.71 -25.24
N MET A 164 -27.90 -4.62 -24.91
CA MET A 164 -26.49 -4.74 -24.56
C MET A 164 -26.27 -5.62 -23.37
N MET A 165 -27.09 -5.47 -22.32
CA MET A 165 -26.94 -6.27 -21.12
C MET A 165 -27.56 -7.65 -21.23
N GLU A 166 -28.68 -7.78 -21.92
CA GLU A 166 -29.40 -9.06 -21.98
C GLU A 166 -29.20 -9.99 -23.17
N GLN A 167 -28.81 -9.46 -24.33
CA GLN A 167 -28.58 -10.28 -25.53
C GLN A 167 -27.13 -10.74 -25.68
N ASN A 169 -24.02 -11.39 -27.02
CA ASN A 169 -23.10 -10.26 -27.12
C ASN A 169 -21.63 -10.68 -26.93
N HIS A 170 -20.71 -9.84 -27.46
CA HIS A 170 -19.25 -10.05 -27.35
C HIS A 170 -18.71 -9.55 -26.00
N PHE A 171 -19.57 -8.87 -25.24
CA PHE A 171 -19.18 -8.36 -23.92
C PHE A 171 -19.30 -9.44 -22.87
N SER A 172 -18.28 -9.47 -22.03
CA SER A 172 -18.12 -10.40 -20.94
C SER A 172 -19.16 -10.26 -19.85
N LYS A 173 -19.46 -11.38 -19.19
CA LYS A 173 -20.40 -11.40 -18.07
C LYS A 173 -19.73 -10.63 -16.92
N LYS A 174 -18.41 -10.79 -16.79
CA LYS A 174 -17.63 -10.12 -15.73
C LYS A 174 -17.55 -8.61 -15.94
N ALA A 175 -17.54 -8.18 -17.20
CA ALA A 175 -17.54 -6.75 -17.54
C ALA A 175 -18.94 -6.17 -17.23
N LYS A 176 -19.99 -6.90 -17.64
CA LYS A 176 -21.39 -6.47 -17.39
C LYS A 176 -21.68 -6.33 -15.90
N ASN A 177 -21.12 -7.24 -15.10
CA ASN A 177 -21.29 -7.21 -13.65
C ASN A 177 -20.52 -6.05 -13.03
N GLN A 178 -19.34 -5.73 -13.57
CA GLN A 178 -18.55 -4.63 -13.04
C GLN A 178 -19.25 -3.29 -13.36
N LEU A 179 -19.79 -3.19 -14.56
CA LEU A 179 -20.51 -1.98 -15.01
C LEU A 179 -21.76 -1.84 -14.10
N SER A 180 -22.45 -2.96 -13.86
CA SER A 180 -23.63 -2.97 -13.02
C SER A 180 -23.37 -2.50 -11.63
N SER A 181 -22.26 -2.93 -11.03
CA SER A 181 -21.94 -2.53 -9.67
C SER A 181 -21.73 -0.99 -9.56
N SER A 182 -21.16 -0.42 -10.61
CA SER A 182 -20.88 1.03 -10.68
C SER A 182 -22.15 1.87 -10.81
N LEU A 183 -23.19 1.26 -11.36
CA LEU A 183 -24.48 1.95 -11.55
C LEU A 183 -25.51 1.85 -10.42
N LEU A 184 -25.26 0.96 -9.44
CA LEU A 184 -26.20 0.81 -8.31
C LEU A 184 -26.41 2.09 -7.48
N ILE A 185 -27.66 2.50 -7.34
CA ILE A 185 -28.02 3.72 -6.63
C ILE A 185 -28.75 3.45 -5.33
N LYS A 186 -29.74 2.57 -5.42
CA LYS A 186 -30.55 2.25 -4.28
C LYS A 186 -30.81 0.77 -4.14
N LYS A 187 -30.80 0.28 -2.90
CA LYS A 187 -31.12 -1.11 -2.66
C LYS A 187 -31.86 -1.18 -1.35
N ASN A 188 -32.97 -1.90 -1.39
CA ASN A 188 -33.75 -2.16 -0.20
C ASN A 188 -34.32 -3.57 -0.26
N GLU A 189 -35.24 -3.89 0.64
CA GLU A 189 -35.86 -5.24 0.71
C GLU A 189 -36.60 -5.64 -0.56
N LYS A 190 -37.12 -4.62 -1.22
CA LYS A 190 -37.98 -4.76 -2.41
C LYS A 190 -37.31 -4.65 -3.76
N TYR A 191 -36.24 -3.87 -3.84
CA TYR A 191 -35.61 -3.68 -5.15
C TYR A 191 -34.20 -3.16 -5.11
N GLU A 192 -33.56 -3.24 -6.28
CA GLU A 192 -32.22 -2.65 -6.50
C GLU A 192 -32.45 -1.71 -7.71
N LEU A 193 -32.06 -0.43 -7.57
CA LEU A 193 -32.22 0.56 -8.65
C LEU A 193 -30.82 0.93 -9.16
N TYR A 194 -30.65 0.85 -10.49
CA TYR A 194 -29.36 1.16 -11.12
C TYR A 194 -29.63 2.23 -12.14
N GLY A 195 -28.65 3.11 -12.37
CA GLY A 195 -28.90 4.14 -13.33
C GLY A 195 -27.81 5.15 -13.46
N LYS A 196 -27.93 5.99 -14.49
CA LYS A 196 -26.94 7.03 -14.72
C LYS A 196 -27.64 8.30 -15.19
N THR A 197 -27.34 9.43 -14.52
CA THR A 197 -27.88 10.72 -14.98
C THR A 197 -27.06 11.32 -16.14
N GLY A 198 -27.69 12.31 -16.81
CA GLY A 198 -27.04 13.06 -17.86
C GLY A 198 -27.63 14.47 -17.83
N THR A 199 -26.76 15.47 -17.95
CA THR A 199 -27.20 16.88 -17.95
C THR A 199 -26.41 17.64 -18.96
N GLY A 200 -27.10 18.35 -19.86
CA GLY A 200 -26.44 19.15 -20.87
C GLY A 200 -26.74 20.63 -20.67
N ILE A 201 -25.77 21.50 -20.98
CA ILE A 201 -26.02 22.95 -20.87
C ILE A 201 -25.52 23.65 -22.13
N VAL A 202 -26.38 24.52 -22.64
CA VAL A 202 -26.11 25.26 -23.86
C VAL A 202 -26.73 26.65 -23.64
N ASN A 203 -26.04 27.68 -24.14
CA ASN A 203 -26.44 29.11 -24.00
C ASN A 203 -26.85 29.47 -22.54
N GLY A 204 -26.23 28.79 -21.58
CA GLY A 204 -26.46 29.03 -20.17
C GLY A 204 -27.69 28.35 -19.57
N LYS A 205 -28.44 27.61 -20.38
CA LYS A 205 -29.65 26.95 -19.89
C LYS A 205 -29.60 25.42 -19.98
N TYR A 206 -30.17 24.73 -18.99
CA TYR A 206 -30.25 23.25 -19.01
C TYR A 206 -31.10 22.96 -20.24
N ASN A 207 -30.64 22.06 -21.11
CA ASN A 207 -31.39 21.79 -22.34
C ASN A 207 -31.66 20.31 -22.68
N ASN A 208 -31.07 19.40 -21.91
CA ASN A 208 -31.13 17.98 -22.24
C ASN A 208 -30.78 17.15 -21.00
N GLY A 209 -31.82 16.66 -20.33
CA GLY A 209 -31.67 15.86 -19.11
C GLY A 209 -32.01 14.40 -19.27
N TRP A 210 -31.27 13.51 -18.61
CA TRP A 210 -31.51 12.07 -18.74
C TRP A 210 -31.32 11.30 -17.45
N PHE A 211 -32.10 10.23 -17.36
CA PHE A 211 -31.82 9.25 -16.30
C PHE A 211 -32.14 7.94 -17.00
N VAL A 212 -31.11 7.09 -17.16
CA VAL A 212 -31.22 5.79 -17.83
C VAL A 212 -30.79 4.70 -16.86
N GLY A 213 -31.60 3.65 -16.74
CA GLY A 213 -31.19 2.60 -15.82
C GLY A 213 -32.08 1.36 -15.90
N TYR A 214 -32.04 0.60 -14.80
CA TYR A 214 -32.84 -0.61 -14.67
C TYR A 214 -33.14 -0.87 -13.23
N VAL A 215 -34.25 -1.59 -12.99
CA VAL A 215 -34.64 -1.95 -11.63
C VAL A 215 -34.78 -3.47 -11.58
N ILE A 216 -34.26 -4.06 -10.51
CA ILE A 216 -34.38 -5.49 -10.29
C ILE A 216 -35.26 -5.66 -9.06
N THR A 217 -36.36 -6.37 -9.21
CA THR A 217 -37.23 -6.63 -8.07
C THR A 217 -37.13 -8.14 -7.83
N ASN A 218 -37.90 -8.63 -6.87
CA ASN A 218 -37.88 -10.07 -6.58
C ASN A 218 -38.68 -10.83 -7.65
N HIS A 219 -39.42 -10.06 -8.46
CA HIS A 219 -40.29 -10.65 -9.49
C HIS A 219 -39.97 -10.39 -10.98
N ASP A 220 -39.15 -9.38 -11.25
CA ASP A 220 -38.88 -8.99 -12.65
C ASP A 220 -37.68 -8.07 -12.70
N LYS A 221 -37.34 -7.63 -13.92
CA LYS A 221 -36.25 -6.70 -14.19
C LYS A 221 -36.82 -5.77 -15.23
N TYR A 222 -36.64 -4.48 -14.99
CA TYR A 222 -37.19 -3.45 -15.83
C TYR A 222 -36.14 -2.49 -16.28
N TYR A 223 -36.03 -2.26 -17.58
CA TYR A 223 -35.09 -1.25 -18.07
C TYR A 223 -35.90 0.00 -18.27
N PHE A 224 -35.36 1.19 -18.02
CA PHE A 224 -36.17 2.38 -18.23
C PHE A 224 -35.30 3.59 -18.57
N ALA A 225 -35.94 4.65 -19.06
CA ALA A 225 -35.22 5.93 -19.29
C ALA A 225 -36.17 7.10 -19.36
N THR A 226 -35.76 8.21 -18.76
CA THR A 226 -36.54 9.45 -18.74
C THR A 226 -35.68 10.47 -19.42
N HIS A 227 -36.29 11.20 -20.34
CA HIS A 227 -35.58 12.28 -21.01
C HIS A 227 -36.37 13.55 -20.75
N LEU A 228 -35.65 14.63 -20.47
CA LEU A 228 -36.28 15.92 -20.22
C LEU A 228 -35.76 16.92 -21.24
N SER A 229 -36.71 17.65 -21.86
CA SER A 229 -36.43 18.69 -22.85
C SER A 229 -36.91 20.11 -22.48
N ASP A 230 -37.70 20.29 -21.42
CA ASP A 230 -38.16 21.63 -21.00
C ASP A 230 -38.44 21.72 -19.51
N GLY A 231 -38.56 22.96 -19.02
CA GLY A 231 -38.83 23.20 -17.61
C GLY A 231 -37.50 23.38 -16.92
N LYS A 232 -37.05 22.35 -16.21
CA LYS A 232 -35.73 22.35 -15.55
C LYS A 232 -35.19 20.95 -15.96
N PRO A 233 -34.78 20.80 -17.24
CA PRO A 233 -34.28 19.53 -17.75
C PRO A 233 -32.87 19.09 -17.35
N SER A 234 -32.72 18.80 -16.08
CA SER A 234 -31.46 18.34 -15.52
C SER A 234 -31.55 16.85 -15.28
N GLY A 235 -30.42 16.19 -15.19
CA GLY A 235 -30.40 14.77 -14.89
C GLY A 235 -31.00 14.50 -13.52
N LYS A 236 -30.80 15.44 -12.58
CA LYS A 236 -31.34 15.34 -11.22
C LYS A 236 -32.87 15.29 -11.24
N ASN A 237 -33.50 16.12 -12.07
CA ASN A 237 -34.96 16.11 -12.18
C ASN A 237 -35.46 14.91 -12.97
N ALA A 238 -34.66 14.46 -13.94
CA ALA A 238 -35.02 13.24 -14.71
C ALA A 238 -35.06 12.03 -13.77
N GLU A 239 -34.14 12.03 -12.80
CA GLU A 239 -34.06 10.94 -11.81
C GLU A 239 -35.26 10.99 -10.89
N LEU A 240 -35.61 12.20 -10.43
CA LEU A 240 -36.74 12.40 -9.54
C LEU A 240 -38.04 11.94 -10.18
N ILE A 241 -38.20 12.33 -11.44
CA ILE A 241 -39.39 11.97 -12.25
C ILE A 241 -39.44 10.44 -12.47
N SER A 242 -38.30 9.84 -12.74
CA SER A 242 -38.24 8.38 -12.94
C SER A 242 -38.63 7.64 -11.69
N GLU A 243 -38.16 8.10 -10.53
CA GLU A 243 -38.49 7.42 -9.29
C GLU A 243 -39.99 7.53 -8.99
N LYS A 244 -40.59 8.68 -9.27
CA LYS A 244 -42.04 8.90 -9.01
C LYS A 244 -42.89 8.01 -9.91
N ILE A 245 -42.49 7.90 -11.18
CA ILE A 245 -43.19 7.07 -12.16
C ILE A 245 -43.03 5.59 -11.79
N LEU A 246 -41.79 5.15 -11.52
CA LEU A 246 -41.57 3.75 -11.12
C LEU A 246 -42.40 3.40 -9.87
N LYS A 247 -42.49 4.33 -8.91
CA LYS A 247 -43.29 4.12 -7.70
C LYS A 247 -44.77 3.91 -8.03
N GLU A 248 -45.28 4.79 -8.92
CA GLU A 248 -46.68 4.75 -9.39
C GLU A 248 -46.95 3.47 -10.14
N MET A 249 -45.98 3.03 -10.95
CA MET A 249 -46.16 1.80 -11.71
C MET A 249 -46.06 0.50 -10.92
N GLY A 250 -45.71 0.60 -9.63
CA GLY A 250 -45.60 -0.60 -8.80
C GLY A 250 -44.26 -1.34 -8.85
N VAL A 251 -43.27 -0.77 -9.54
CA VAL A 251 -41.94 -1.36 -9.67
C VAL A 251 -41.16 -1.27 -8.37
N LEU A 252 -41.58 -0.37 -7.48
CA LEU A 252 -40.89 -0.22 -6.20
C LEU A 252 -41.66 -0.87 -5.02
N ASP B 6 -15.76 -22.98 26.91
CA ASP B 6 -16.23 -22.85 28.29
C ASP B 6 -15.72 -21.53 28.89
N TYR B 7 -14.71 -20.93 28.24
CA TYR B 7 -14.10 -19.69 28.73
C TYR B 7 -14.51 -18.56 27.83
N ASN B 8 -14.72 -17.41 28.42
CA ASN B 8 -15.14 -16.28 27.62
C ASN B 8 -14.02 -15.35 27.19
N TYR B 9 -14.36 -14.36 26.35
CA TYR B 9 -13.34 -13.48 25.81
C TYR B 9 -12.81 -12.50 26.85
N LYS B 10 -11.50 -12.58 27.09
CA LYS B 10 -10.90 -11.75 28.15
C LYS B 10 -9.89 -10.72 27.70
N LYS B 11 -9.49 -10.69 26.43
CA LYS B 11 -8.50 -9.71 25.98
C LYS B 11 -8.99 -8.30 26.15
N PRO B 12 -8.18 -7.46 26.79
CA PRO B 12 -8.68 -6.11 26.93
C PRO B 12 -8.68 -5.22 25.69
N LEU B 13 -9.52 -4.21 25.73
CA LEU B 13 -9.62 -3.26 24.65
C LEU B 13 -8.69 -2.11 24.95
N HIS B 14 -7.78 -1.78 24.05
CA HIS B 14 -6.87 -0.64 24.22
C HIS B 14 -7.38 0.46 23.31
N ASN B 15 -8.64 0.88 23.51
CA ASN B 15 -9.25 1.94 22.70
C ASN B 15 -10.13 2.83 23.53
N ASP B 16 -10.53 3.96 22.92
CA ASP B 16 -11.51 4.86 23.52
C ASP B 16 -12.78 3.98 23.59
N TYR B 17 -13.58 4.18 24.63
CA TYR B 17 -14.69 3.32 24.91
C TYR B 17 -15.86 4.09 25.45
N GLN B 18 -17.04 3.69 25.02
CA GLN B 18 -18.25 4.33 25.51
C GLN B 18 -19.26 3.29 25.92
N ILE B 19 -19.77 3.39 27.14
CA ILE B 19 -20.77 2.43 27.62
C ILE B 19 -22.13 2.93 27.15
N LEU B 20 -22.90 2.03 26.59
CA LEU B 20 -24.22 2.37 26.03
C LEU B 20 -25.36 1.82 26.89
N ASP B 21 -26.51 2.49 26.84
CA ASP B 21 -27.69 2.06 27.59
C ASP B 21 -28.77 1.87 26.52
N LYS B 22 -28.91 0.65 25.98
CA LYS B 22 -29.92 0.38 24.95
C LYS B 22 -30.98 -0.61 25.36
N SER B 23 -31.14 -0.74 26.68
CA SER B 23 -32.12 -1.66 27.26
C SER B 23 -33.57 -1.42 26.78
N LYS B 24 -33.90 -0.17 26.45
CA LYS B 24 -35.28 0.14 26.00
C LYS B 24 -35.55 -0.42 24.61
N ILE B 25 -34.52 -0.40 23.76
CA ILE B 25 -34.63 -0.95 22.40
C ILE B 25 -34.66 -2.49 22.44
N PHE B 26 -33.90 -3.09 23.35
CA PHE B 26 -33.88 -4.55 23.52
C PHE B 26 -35.20 -5.07 24.10
N GLY B 27 -35.88 -4.22 24.88
CA GLY B 27 -37.14 -4.59 25.49
C GLY B 27 -37.06 -5.84 26.36
N SER B 28 -37.82 -6.84 25.97
CA SER B 28 -37.88 -8.14 26.66
C SER B 28 -36.72 -9.07 26.22
N ASN B 29 -36.09 -8.74 25.08
CA ASN B 29 -34.97 -9.51 24.52
C ASN B 29 -33.67 -9.18 25.28
N SER B 30 -32.89 -10.22 25.58
CA SER B 30 -31.62 -10.12 26.31
C SER B 30 -30.49 -10.33 25.33
N GLY B 31 -29.40 -9.61 25.54
CA GLY B 31 -28.24 -9.75 24.65
C GLY B 31 -27.31 -8.58 24.79
N SER B 32 -26.58 -8.27 23.73
CA SER B 32 -25.63 -7.17 23.74
C SER B 32 -25.48 -6.52 22.37
N PHE B 33 -24.91 -5.34 22.35
CA PHE B 33 -24.68 -4.63 21.12
C PHE B 33 -23.30 -4.04 21.19
N VAL B 34 -22.59 -4.11 20.05
CA VAL B 34 -21.23 -3.58 19.95
C VAL B 34 -21.03 -2.88 18.65
N MET B 35 -20.49 -1.67 18.71
CA MET B 35 -20.20 -0.91 17.50
C MET B 35 -18.78 -0.34 17.59
N TYR B 36 -18.11 -0.26 16.45
CA TYR B 36 -16.74 0.28 16.32
C TYR B 36 -16.75 1.33 15.22
N SER B 37 -16.22 2.50 15.57
CA SER B 37 -16.08 3.60 14.60
C SER B 37 -14.64 3.58 14.05
N MET B 38 -14.52 3.49 12.72
CA MET B 38 -13.21 3.51 12.09
C MET B 38 -12.45 4.84 12.31
N LYS B 39 -13.16 5.95 12.16
CA LYS B 39 -12.56 7.31 12.25
C LYS B 39 -12.09 7.59 13.65
N LYS B 40 -12.93 7.23 14.60
CA LYS B 40 -12.61 7.51 15.99
C LYS B 40 -11.81 6.45 16.71
N ASP B 41 -11.66 5.26 16.10
CA ASP B 41 -10.97 4.10 16.71
C ASP B 41 -11.57 3.86 18.09
N LYS B 42 -12.91 3.88 18.11
CA LYS B 42 -13.63 3.76 19.37
C LYS B 42 -14.71 2.71 19.40
N TYR B 43 -14.82 1.98 20.52
CA TYR B 43 -15.88 1.00 20.76
C TYR B 43 -17.02 1.58 21.60
N TYR B 44 -18.25 1.19 21.25
CA TYR B 44 -19.49 1.60 21.93
C TYR B 44 -20.19 0.29 22.22
N ILE B 45 -20.40 0.01 23.50
CA ILE B 45 -20.99 -1.26 23.87
C ILE B 45 -22.09 -1.20 24.87
N TYR B 46 -23.17 -1.87 24.53
CA TYR B 46 -24.28 -2.09 25.44
C TYR B 46 -24.09 -3.47 26.06
N ASN B 47 -23.95 -3.50 27.38
CA ASN B 47 -23.84 -4.75 28.14
C ASN B 47 -22.47 -5.44 27.83
N GLU B 48 -21.40 -4.79 28.30
CA GLU B 48 -20.04 -5.24 28.04
C GLU B 48 -19.64 -6.60 28.54
N LYS B 49 -20.08 -6.98 29.74
CA LYS B 49 -19.76 -8.34 30.24
C LYS B 49 -20.40 -9.39 29.34
N GLU B 50 -21.66 -9.15 28.98
CA GLU B 50 -22.37 -10.08 28.12
C GLU B 50 -21.79 -10.12 26.71
N SER B 51 -21.28 -8.97 26.26
CA SER B 51 -20.65 -8.88 24.90
C SER B 51 -19.39 -9.78 24.79
N ARG B 52 -18.87 -10.23 25.95
CA ARG B 52 -17.68 -11.07 25.96
C ARG B 52 -18.04 -12.57 26.12
N LYS B 53 -19.32 -12.91 26.24
CA LYS B 53 -19.75 -14.31 26.36
C LYS B 53 -19.73 -14.99 24.99
N ARG B 54 -19.08 -16.13 24.91
CA ARG B 54 -18.97 -16.84 23.63
C ARG B 54 -20.12 -17.75 23.30
N TYR B 55 -20.59 -17.66 22.04
CA TYR B 55 -21.70 -18.49 21.55
C TYR B 55 -21.41 -18.99 20.13
N SER B 56 -22.08 -20.06 19.71
CA SER B 56 -21.89 -20.54 18.35
C SER B 56 -22.25 -19.41 17.36
N PRO B 57 -21.44 -19.22 16.31
CA PRO B 57 -21.75 -18.14 15.36
C PRO B 57 -22.87 -18.52 14.39
N ASN B 58 -23.34 -19.74 14.40
CA ASN B 58 -24.25 -20.38 13.42
C ASN B 58 -24.07 -19.73 12.05
N SER B 59 -25.13 -19.18 11.49
CA SER B 59 -24.95 -18.65 10.11
C SER B 59 -24.05 -17.47 10.08
N THR B 60 -23.59 -16.54 11.03
CA THR B 60 -22.66 -15.46 10.72
C THR B 60 -21.38 -16.09 10.24
N TYR B 61 -21.14 -17.40 10.52
CA TYR B 61 -19.86 -17.98 10.07
C TYR B 61 -19.77 -18.11 8.52
N LYS B 62 -20.92 -17.94 7.85
CA LYS B 62 -20.92 -17.98 6.38
C LYS B 62 -20.12 -16.83 5.83
N ILE B 63 -19.93 -15.76 6.60
CA ILE B 63 -19.08 -14.65 6.13
C ILE B 63 -17.66 -15.21 5.89
N TYR B 64 -17.21 -16.00 6.85
CA TYR B 64 -15.85 -16.58 6.80
C TYR B 64 -15.75 -17.73 5.82
N LEU B 65 -16.80 -18.56 5.72
CA LEU B 65 -16.75 -19.67 4.73
C LEU B 65 -16.70 -19.09 3.33
N ALA B 66 -17.42 -17.98 3.11
CA ALA B 66 -17.38 -17.26 1.83
C ALA B 66 -15.99 -16.65 1.56
N MET B 67 -15.38 -16.05 2.58
CA MET B 67 -14.04 -15.49 2.36
C MET B 67 -13.03 -16.60 2.10
N PHE B 68 -13.20 -17.70 2.82
CA PHE B 68 -12.25 -18.84 2.66
C PHE B 68 -12.45 -19.47 1.29
N GLY B 69 -13.71 -19.56 0.87
CA GLY B 69 -14.03 -20.15 -0.45
C GLY B 69 -13.42 -19.30 -1.55
N LEU B 70 -13.43 -17.98 -1.35
CA LEU B 70 -12.87 -17.06 -2.31
C LEU B 70 -11.36 -17.11 -2.28
N ASP B 71 -10.80 -17.14 -1.07
CA ASP B 71 -9.33 -17.16 -0.93
C ASP B 71 -8.70 -18.46 -1.52
N ARG B 72 -9.45 -19.56 -1.46
CA ARG B 72 -8.98 -20.86 -1.97
C ARG B 72 -9.44 -21.15 -3.39
N HIS B 73 -10.13 -20.18 -3.98
CA HIS B 73 -10.65 -20.25 -5.34
C HIS B 73 -11.65 -21.37 -5.57
N ILE B 74 -12.38 -21.69 -4.50
CA ILE B 74 -13.45 -22.70 -4.63
C ILE B 74 -14.55 -22.01 -5.42
N ILE B 75 -14.69 -20.72 -5.17
CA ILE B 75 -15.60 -19.87 -5.92
C ILE B 75 -14.80 -18.62 -6.27
N ASN B 76 -15.17 -17.98 -7.37
CA ASN B 76 -14.51 -16.75 -7.81
C ASN B 76 -15.52 -15.82 -8.46
N ASP B 77 -15.02 -14.70 -8.97
CA ASP B 77 -15.87 -13.67 -9.57
C ASP B 77 -16.48 -14.07 -10.92
N GLU B 78 -15.89 -15.06 -11.59
CA GLU B 78 -16.45 -15.55 -12.86
C GLU B 78 -17.47 -16.69 -12.60
N ASN B 79 -17.25 -17.46 -11.53
CA ASN B 79 -18.10 -18.61 -11.22
C ASN B 79 -18.18 -18.90 -9.70
N SER B 80 -19.30 -18.52 -9.09
CA SER B 80 -19.58 -18.84 -7.69
C SER B 80 -20.86 -19.68 -7.70
N ARG B 81 -21.17 -20.25 -8.87
CA ARG B 81 -22.41 -21.01 -9.00
C ARG B 81 -22.25 -22.45 -8.52
N MET B 82 -23.22 -22.93 -7.73
CA MET B 82 -23.22 -24.29 -7.26
C MET B 82 -24.61 -24.87 -7.59
N SER B 83 -24.54 -26.10 -8.13
CA SER B 83 -25.73 -26.85 -8.55
C SER B 83 -26.57 -27.32 -7.36
N TRP B 84 -27.90 -27.30 -7.55
CA TRP B 84 -28.82 -27.87 -6.55
C TRP B 84 -28.76 -29.39 -6.81
N ASN B 85 -28.72 -30.18 -5.75
CA ASN B 85 -28.65 -31.63 -5.90
C ASN B 85 -30.05 -32.28 -5.95
N HIS B 86 -31.09 -31.46 -6.09
CA HIS B 86 -32.48 -31.94 -6.14
C HIS B 86 -33.10 -32.48 -4.87
N LYS B 87 -32.40 -32.34 -3.76
CA LYS B 87 -32.95 -32.75 -2.49
C LYS B 87 -33.92 -31.68 -2.06
N HIS B 88 -35.03 -32.12 -1.47
CA HIS B 88 -36.03 -31.22 -0.98
C HIS B 88 -35.59 -30.58 0.36
N TYR B 89 -35.39 -29.27 0.32
CA TYR B 89 -35.04 -28.51 1.51
C TYR B 89 -36.34 -27.85 1.98
N PRO B 90 -36.41 -27.43 3.27
CA PRO B 90 -37.65 -26.83 3.75
C PRO B 90 -38.00 -25.44 3.32
N PHE B 91 -37.04 -24.75 2.74
CA PHE B 91 -37.25 -23.37 2.28
C PHE B 91 -37.15 -23.35 0.75
N ASP B 92 -38.19 -22.81 0.10
CA ASP B 92 -38.21 -22.78 -1.37
C ASP B 92 -37.00 -22.09 -2.03
N ALA B 93 -36.44 -21.10 -1.34
CA ALA B 93 -35.28 -20.39 -1.88
C ALA B 93 -34.03 -21.27 -1.90
N TRP B 94 -34.06 -22.36 -1.16
CA TRP B 94 -32.90 -23.28 -1.13
C TRP B 94 -32.99 -24.36 -2.20
N ASN B 95 -34.20 -24.53 -2.75
CA ASN B 95 -34.47 -25.58 -3.74
C ASN B 95 -34.23 -25.18 -5.19
N LYS B 96 -32.99 -24.75 -5.45
CA LYS B 96 -32.55 -24.25 -6.75
C LYS B 96 -31.07 -23.96 -6.74
N GLU B 97 -30.54 -23.76 -7.95
CA GLU B 97 -29.16 -23.42 -8.23
C GLU B 97 -28.83 -22.08 -7.49
N GLN B 98 -27.60 -21.94 -7.04
CA GLN B 98 -27.25 -20.74 -6.31
C GLN B 98 -25.94 -20.14 -6.74
N ASP B 99 -25.77 -18.86 -6.44
CA ASP B 99 -24.46 -18.24 -6.58
C ASP B 99 -24.15 -17.64 -5.21
N LEU B 100 -23.02 -16.94 -5.10
CA LEU B 100 -22.70 -16.40 -3.76
C LEU B 100 -23.74 -15.43 -3.24
N ASN B 101 -24.19 -14.52 -4.10
CA ASN B 101 -25.18 -13.55 -3.66
C ASN B 101 -26.53 -14.15 -3.24
N THR B 102 -27.03 -15.15 -4.00
CA THR B 102 -28.30 -15.75 -3.62
C THR B 102 -28.14 -16.57 -2.38
N ALA B 103 -27.01 -17.24 -2.26
CA ALA B 103 -26.80 -18.09 -1.07
C ALA B 103 -26.67 -17.26 0.21
N MET B 104 -25.95 -16.15 0.12
CA MET B 104 -25.77 -15.30 1.29
C MET B 104 -27.10 -14.63 1.72
N GLN B 105 -27.83 -14.12 0.73
CA GLN B 105 -29.08 -13.44 0.97
C GLN B 105 -30.16 -14.32 1.55
N ASN B 106 -30.19 -15.54 1.07
CA ASN B 106 -31.21 -16.51 1.48
C ASN B 106 -30.71 -17.57 2.47
N SER B 107 -29.55 -17.28 3.10
CA SER B 107 -28.84 -18.13 4.11
C SER B 107 -29.00 -19.61 3.76
N VAL B 108 -28.52 -19.93 2.55
CA VAL B 108 -28.70 -21.31 2.02
C VAL B 108 -27.59 -22.16 2.63
N ASN B 109 -27.96 -22.88 3.70
CA ASN B 109 -26.95 -23.68 4.43
C ASN B 109 -26.14 -24.64 3.56
N TRP B 110 -26.79 -25.34 2.63
CA TRP B 110 -26.06 -26.35 1.83
C TRP B 110 -24.94 -25.81 0.99
N TYR B 111 -25.10 -24.57 0.52
CA TYR B 111 -24.07 -23.90 -0.30
C TYR B 111 -22.79 -23.72 0.51
N PHE B 112 -22.93 -23.21 1.75
CA PHE B 112 -21.74 -23.03 2.57
C PHE B 112 -21.18 -24.32 3.14
N GLU B 113 -22.05 -25.31 3.35
CA GLU B 113 -21.59 -26.60 3.79
C GLU B 113 -20.79 -27.24 2.65
N ARG B 114 -21.20 -27.01 1.40
CA ARG B 114 -20.44 -27.59 0.27
C ARG B 114 -19.08 -26.95 0.17
N ILE B 115 -19.00 -25.64 0.42
CA ILE B 115 -17.69 -24.97 0.45
C ILE B 115 -16.90 -25.56 1.60
N SER B 116 -17.51 -25.66 2.78
CA SER B 116 -16.73 -26.17 3.91
C SER B 116 -16.11 -27.56 3.70
N ASP B 117 -16.83 -28.43 2.97
CA ASP B 117 -16.34 -29.80 2.75
C ASP B 117 -15.08 -29.85 1.91
N GLN B 118 -14.85 -28.79 1.12
CA GLN B 118 -13.67 -28.65 0.24
C GLN B 118 -12.45 -28.02 0.92
N ILE B 119 -12.64 -27.51 2.14
CA ILE B 119 -11.54 -26.82 2.87
C ILE B 119 -10.81 -27.70 3.86
N PRO B 120 -9.47 -27.87 3.69
CA PRO B 120 -8.69 -28.70 4.62
C PRO B 120 -8.67 -28.09 6.02
N LYS B 121 -8.80 -28.94 7.05
CA LYS B 121 -8.75 -28.49 8.45
C LYS B 121 -7.52 -27.63 8.76
N ASN B 122 -6.35 -28.02 8.21
CA ASN B 122 -5.13 -27.26 8.46
C ASN B 122 -5.27 -25.80 8.08
N TYR B 123 -5.86 -25.55 6.89
CA TYR B 123 -6.08 -24.19 6.41
C TYR B 123 -7.00 -23.42 7.39
N THR B 124 -8.15 -24.01 7.70
CA THR B 124 -9.12 -23.40 8.64
C THR B 124 -8.48 -23.09 9.97
N ALA B 125 -7.74 -24.05 10.56
CA ALA B 125 -7.03 -23.76 11.84
C ALA B 125 -6.08 -22.57 11.73
N THR B 126 -5.30 -22.50 10.66
CA THR B 126 -4.37 -21.40 10.43
C THR B 126 -5.13 -20.07 10.30
N GLN B 127 -6.23 -20.09 9.58
CA GLN B 127 -7.00 -18.82 9.49
C GLN B 127 -7.63 -18.36 10.81
N LEU B 128 -8.23 -19.28 11.55
CA LEU B 128 -8.84 -18.93 12.84
C LEU B 128 -7.80 -18.45 13.83
N LYS B 129 -6.58 -18.97 13.68
CA LYS B 129 -5.51 -18.46 14.55
C LYS B 129 -5.09 -17.03 14.16
N GLN B 130 -4.96 -16.76 12.87
CA GLN B 130 -4.55 -15.46 12.37
C GLN B 130 -5.62 -14.41 12.59
N LEU B 131 -6.86 -14.88 12.61
CA LEU B 131 -7.98 -13.97 12.84
C LEU B 131 -8.39 -13.86 14.31
N ASN B 132 -7.81 -14.69 15.20
CA ASN B 132 -8.18 -14.74 16.62
C ASN B 132 -9.69 -14.98 16.70
N TYR B 133 -10.15 -15.96 15.93
CA TYR B 133 -11.59 -16.27 15.90
C TYR B 133 -12.09 -17.01 17.14
N GLY B 134 -12.55 -16.27 18.13
CA GLY B 134 -13.15 -16.90 19.30
C GLY B 134 -12.34 -18.00 19.96
N ASN B 135 -12.98 -19.11 20.23
CA ASN B 135 -12.30 -20.23 20.88
C ASN B 135 -11.50 -21.12 19.90
N LYS B 136 -11.52 -20.78 18.59
CA LYS B 136 -10.81 -21.50 17.52
C LYS B 136 -11.00 -23.01 17.60
N ASN B 137 -12.14 -23.43 18.12
CA ASN B 137 -12.40 -24.84 18.33
C ASN B 137 -13.19 -25.46 17.19
N LEU B 138 -12.45 -26.19 16.37
CA LEU B 138 -13.01 -26.91 15.22
C LEU B 138 -13.67 -28.24 15.54
N GLY B 139 -13.52 -28.74 16.77
CA GLY B 139 -14.11 -30.02 17.17
C GLY B 139 -13.85 -31.16 16.17
N SER B 140 -14.94 -31.85 15.80
CA SER B 140 -14.89 -32.96 14.83
C SER B 140 -14.77 -32.43 13.37
N TYR B 141 -14.74 -31.09 13.22
CA TYR B 141 -14.62 -30.45 11.92
C TYR B 141 -15.75 -30.86 10.90
N LYS B 142 -16.99 -30.88 11.39
CA LYS B 142 -18.22 -31.20 10.59
C LYS B 142 -19.38 -30.27 11.01
N SER B 143 -19.72 -29.25 10.25
CA SER B 143 -20.75 -28.26 10.66
C SER B 143 -20.41 -27.73 12.08
N TYR B 144 -19.11 -27.53 12.29
CA TYR B 144 -18.59 -27.09 13.59
C TYR B 144 -19.09 -25.69 14.00
N TRP B 145 -19.56 -24.92 13.03
CA TRP B 145 -20.14 -23.60 13.32
C TRP B 145 -21.62 -23.61 13.65
N MET B 146 -22.26 -24.77 13.55
CA MET B 146 -23.70 -24.91 13.81
C MET B 146 -24.03 -25.47 15.20
N GLU B 147 -24.04 -24.59 16.21
CA GLU B 147 -24.38 -24.91 17.63
C GLU B 147 -23.57 -26.12 18.12
N ASP B 148 -22.29 -26.04 17.81
CA ASP B 148 -21.33 -27.08 18.09
C ASP B 148 -20.06 -26.55 18.85
N SER B 149 -18.88 -26.94 18.39
CA SER B 149 -17.65 -26.58 19.10
C SER B 149 -17.23 -25.15 19.04
N LEU B 150 -17.34 -24.58 17.82
CA LEU B 150 -16.90 -23.19 17.54
C LEU B 150 -17.76 -22.11 18.19
N LYS B 151 -17.12 -21.20 18.96
CA LYS B 151 -17.83 -20.16 19.68
C LYS B 151 -17.07 -18.87 19.58
N ILE B 152 -17.80 -17.75 19.58
CA ILE B 152 -17.19 -16.45 19.47
C ILE B 152 -18.12 -15.44 20.19
N SER B 153 -17.55 -14.41 20.77
CA SER B 153 -18.38 -13.44 21.49
C SER B 153 -18.85 -12.33 20.58
N ASN B 154 -19.86 -11.60 21.02
CA ASN B 154 -20.32 -10.46 20.23
C ASN B 154 -19.22 -9.40 20.00
N LEU B 155 -18.46 -9.09 21.06
CA LEU B 155 -17.36 -8.16 20.93
C LEU B 155 -16.36 -8.70 19.87
N GLU B 156 -16.01 -10.00 19.96
CA GLU B 156 -15.08 -10.54 18.95
C GLU B 156 -15.66 -10.53 17.54
N GLN B 157 -16.98 -10.66 17.40
CA GLN B 157 -17.55 -10.64 16.05
C GLN B 157 -17.20 -9.35 15.37
N VAL B 158 -17.21 -8.27 16.16
CA VAL B 158 -16.88 -6.97 15.58
C VAL B 158 -15.38 -6.82 15.36
N ILE B 159 -14.58 -7.23 16.35
CA ILE B 159 -13.14 -7.05 16.20
C ILE B 159 -12.61 -7.86 14.99
N VAL B 160 -13.06 -9.10 14.95
CA VAL B 160 -12.61 -10.09 13.95
C VAL B 160 -12.99 -9.68 12.56
N PHE B 161 -14.27 -9.26 12.38
CA PHE B 161 -14.72 -8.86 11.05
C PHE B 161 -13.99 -7.62 10.54
N LYS B 162 -13.87 -6.61 11.41
CA LYS B 162 -13.21 -5.37 11.09
C LYS B 162 -11.77 -5.70 10.73
N ASN B 163 -11.11 -6.50 11.55
CA ASN B 163 -9.71 -6.82 11.19
C ASN B 163 -9.56 -7.59 9.85
N MET B 164 -10.45 -8.55 9.62
CA MET B 164 -10.38 -9.30 8.33
C MET B 164 -10.52 -8.34 7.15
N MET B 165 -11.45 -7.41 7.25
CA MET B 165 -11.69 -6.50 6.15
C MET B 165 -10.76 -5.32 6.03
N GLU B 166 -10.30 -4.81 7.18
CA GLU B 166 -9.51 -3.62 7.21
C GLU B 166 -8.02 -3.75 7.26
N GLN B 167 -7.52 -4.85 7.82
CA GLN B 167 -6.08 -5.06 7.94
C GLN B 167 -5.44 -5.28 6.60
N ASN B 168 -4.17 -4.92 6.54
CA ASN B 168 -3.35 -5.03 5.33
C ASN B 168 -2.95 -6.51 5.31
N ASN B 169 -3.87 -7.37 4.86
CA ASN B 169 -3.63 -8.81 4.96
C ASN B 169 -3.64 -9.62 3.64
N HIS B 170 -3.56 -10.94 3.73
CA HIS B 170 -3.47 -11.75 2.52
C HIS B 170 -4.76 -11.90 1.70
N PHE B 171 -5.91 -11.59 2.29
CA PHE B 171 -7.15 -11.68 1.49
C PHE B 171 -7.13 -10.58 0.43
N SER B 172 -7.36 -10.98 -0.83
CA SER B 172 -7.29 -10.03 -1.93
C SER B 172 -8.38 -8.99 -1.92
N LYS B 173 -8.12 -7.88 -2.61
CA LYS B 173 -9.09 -6.81 -2.72
C LYS B 173 -10.30 -7.35 -3.46
N LYS B 174 -10.08 -8.22 -4.48
CA LYS B 174 -11.19 -8.79 -5.27
C LYS B 174 -12.09 -9.68 -4.40
N ALA B 175 -11.48 -10.48 -3.54
CA ALA B 175 -12.21 -11.37 -2.61
C ALA B 175 -13.00 -10.51 -1.62
N LYS B 176 -12.39 -9.47 -1.04
CA LYS B 176 -13.12 -8.61 -0.09
C LYS B 176 -14.27 -7.91 -0.78
N ASN B 177 -14.05 -7.47 -2.01
CA ASN B 177 -15.14 -6.83 -2.76
C ASN B 177 -16.31 -7.73 -3.08
N GLN B 178 -16.00 -8.96 -3.46
CA GLN B 178 -17.06 -9.93 -3.81
C GLN B 178 -17.81 -10.32 -2.53
N LEU B 179 -17.07 -10.47 -1.44
CA LEU B 179 -17.74 -10.80 -0.15
C LEU B 179 -18.64 -9.61 0.23
N SER B 180 -18.13 -8.38 0.15
CA SER B 180 -18.95 -7.21 0.50
C SER B 180 -20.22 -7.11 -0.30
N SER B 181 -20.09 -7.32 -1.62
CA SER B 181 -21.25 -7.28 -2.51
C SER B 181 -22.33 -8.26 -2.09
N SER B 182 -21.91 -9.45 -1.62
CA SER B 182 -22.87 -10.44 -1.18
C SER B 182 -23.55 -10.08 0.12
N LEU B 183 -22.91 -9.21 0.90
CA LEU B 183 -23.44 -8.81 2.18
C LEU B 183 -24.26 -7.50 2.19
N LEU B 184 -24.33 -6.81 1.04
CA LEU B 184 -25.07 -5.55 1.00
C LEU B 184 -26.55 -5.78 1.22
N ILE B 185 -27.12 -5.02 2.15
CA ILE B 185 -28.55 -5.17 2.47
C ILE B 185 -29.31 -3.93 1.98
N LYS B 186 -28.80 -2.77 2.35
CA LYS B 186 -29.45 -1.51 1.94
C LYS B 186 -28.46 -0.47 1.46
N LYS B 187 -28.84 0.31 0.44
CA LYS B 187 -28.00 1.38 -0.07
C LYS B 187 -28.94 2.55 -0.37
N ASN B 188 -28.64 3.73 0.14
CA ASN B 188 -29.47 4.91 -0.18
C ASN B 188 -28.49 6.09 -0.24
N GLU B 189 -29.02 7.32 -0.33
CA GLU B 189 -28.17 8.51 -0.44
C GLU B 189 -27.29 8.77 0.80
N LYS B 190 -27.71 8.24 1.93
CA LYS B 190 -27.00 8.47 3.19
C LYS B 190 -26.05 7.37 3.64
N TYR B 191 -26.34 6.12 3.28
CA TYR B 191 -25.49 5.02 3.72
C TYR B 191 -25.63 3.73 2.91
N GLU B 192 -24.70 2.81 3.17
CA GLU B 192 -24.73 1.44 2.63
C GLU B 192 -24.64 0.57 3.88
N LEU B 193 -25.60 -0.32 4.08
CA LEU B 193 -25.61 -1.22 5.26
C LEU B 193 -25.36 -2.64 4.77
N TYR B 194 -24.37 -3.32 5.40
CA TYR B 194 -24.01 -4.69 5.03
C TYR B 194 -24.18 -5.53 6.27
N GLY B 195 -24.47 -6.81 6.07
CA GLY B 195 -24.60 -7.62 7.27
C GLY B 195 -25.07 -9.02 7.02
N LYS B 196 -24.98 -9.84 8.07
CA LYS B 196 -25.42 -11.26 8.00
C LYS B 196 -26.17 -11.66 9.28
N THR B 197 -27.37 -12.23 9.12
CA THR B 197 -28.13 -12.73 10.25
C THR B 197 -27.70 -14.17 10.60
N GLY B 198 -28.00 -14.56 11.84
CA GLY B 198 -27.78 -15.95 12.29
C GLY B 198 -28.92 -16.33 13.23
N THR B 199 -29.44 -17.55 13.08
CA THR B 199 -30.54 -18.01 13.99
C THR B 199 -30.31 -19.46 14.40
N GLY B 200 -30.30 -19.74 15.69
CA GLY B 200 -30.17 -21.12 16.15
C GLY B 200 -31.48 -21.50 16.82
N ILE B 201 -31.79 -22.79 16.76
CA ILE B 201 -32.99 -23.36 17.42
C ILE B 201 -32.54 -24.65 18.12
N VAL B 202 -32.96 -24.75 19.38
CA VAL B 202 -32.67 -25.93 20.20
C VAL B 202 -33.95 -26.20 21.00
N ASN B 203 -34.44 -27.45 20.89
CA ASN B 203 -35.67 -27.94 21.53
C ASN B 203 -36.93 -27.15 21.13
N GLY B 204 -37.00 -26.76 19.84
CA GLY B 204 -38.13 -26.00 19.32
C GLY B 204 -38.20 -24.51 19.66
N LYS B 205 -37.17 -24.00 20.36
CA LYS B 205 -37.14 -22.60 20.74
C LYS B 205 -35.89 -21.90 20.22
N TYR B 206 -36.05 -20.67 19.69
CA TYR B 206 -34.91 -19.87 19.22
C TYR B 206 -34.03 -19.68 20.46
N ASN B 207 -32.70 -19.73 20.31
CA ASN B 207 -31.84 -19.62 21.47
C ASN B 207 -30.52 -18.84 21.23
N ASN B 208 -30.33 -18.35 20.02
CA ASN B 208 -29.03 -17.73 19.68
C ASN B 208 -29.20 -16.95 18.39
N GLY B 209 -29.49 -15.65 18.50
CA GLY B 209 -29.68 -14.76 17.35
C GLY B 209 -28.56 -13.76 17.12
N TRP B 210 -28.20 -13.58 15.86
CA TRP B 210 -27.16 -12.64 15.50
C TRP B 210 -27.44 -11.75 14.34
N PHE B 211 -26.84 -10.57 14.40
CA PHE B 211 -26.77 -9.74 13.20
C PHE B 211 -25.39 -9.09 13.26
N VAL B 212 -24.51 -9.44 12.31
CA VAL B 212 -23.15 -8.92 12.24
C VAL B 212 -22.98 -8.10 10.99
N GLY B 213 -22.43 -6.89 11.08
CA GLY B 213 -22.29 -6.15 9.82
C GLY B 213 -21.44 -4.91 9.87
N TYR B 214 -21.62 -4.07 8.87
CA TYR B 214 -20.95 -2.78 8.86
C TYR B 214 -21.78 -1.77 8.07
N VAL B 215 -21.54 -0.50 8.37
CA VAL B 215 -22.29 0.60 7.71
C VAL B 215 -21.26 1.56 7.19
N ILE B 216 -21.46 2.03 5.95
CA ILE B 216 -20.56 3.03 5.36
C ILE B 216 -21.44 4.29 5.18
N THR B 217 -21.09 5.39 5.84
CA THR B 217 -21.86 6.65 5.71
C THR B 217 -20.92 7.62 5.01
N ASN B 218 -21.38 8.85 4.74
CA ASN B 218 -20.52 9.82 4.07
C ASN B 218 -19.41 10.35 4.99
N HIS B 219 -19.55 10.07 6.28
CA HIS B 219 -18.60 10.57 7.26
C HIS B 219 -17.70 9.54 7.93
N ASP B 220 -18.16 8.28 8.02
CA ASP B 220 -17.38 7.25 8.74
C ASP B 220 -17.81 5.84 8.27
N LYS B 221 -17.22 4.81 8.86
CA LYS B 221 -17.56 3.39 8.59
C LYS B 221 -17.62 2.76 9.96
N TYR B 222 -18.69 2.03 10.22
CA TYR B 222 -18.83 1.44 11.55
C TYR B 222 -19.02 -0.02 11.42
N TYR B 223 -18.36 -0.81 12.27
CA TYR B 223 -18.62 -2.24 12.28
C TYR B 223 -19.48 -2.47 13.49
N PHE B 224 -20.42 -3.40 13.40
CA PHE B 224 -21.29 -3.64 14.54
C PHE B 224 -21.80 -5.09 14.61
N ALA B 225 -22.32 -5.44 15.77
CA ALA B 225 -22.93 -6.75 15.96
C ALA B 225 -23.93 -6.74 17.12
N THR B 226 -25.05 -7.43 16.93
CA THR B 226 -26.04 -7.64 17.98
C THR B 226 -26.17 -9.14 18.19
N HIS B 227 -26.23 -9.54 19.44
CA HIS B 227 -26.44 -10.91 19.79
C HIS B 227 -27.61 -10.92 20.75
N LEU B 228 -28.51 -11.89 20.52
CA LEU B 228 -29.68 -12.15 21.39
C LEU B 228 -29.63 -13.58 21.96
N SER B 229 -29.91 -13.72 23.25
CA SER B 229 -29.89 -15.05 23.86
C SER B 229 -31.24 -15.49 24.50
N ASP B 230 -32.13 -14.54 24.71
CA ASP B 230 -33.42 -14.82 25.37
C ASP B 230 -34.47 -13.84 24.90
N GLY B 231 -35.75 -14.21 25.05
CA GLY B 231 -36.85 -13.36 24.58
C GLY B 231 -37.34 -13.94 23.30
N LYS B 232 -37.04 -13.29 22.18
CA LYS B 232 -37.36 -13.87 20.88
C LYS B 232 -36.00 -13.72 20.16
N PRO B 233 -35.02 -14.61 20.49
CA PRO B 233 -33.69 -14.50 19.88
C PRO B 233 -33.42 -15.05 18.48
N SER B 234 -33.95 -14.32 17.53
CA SER B 234 -33.80 -14.67 16.12
C SER B 234 -32.88 -13.68 15.44
N GLY B 235 -32.30 -14.10 14.30
CA GLY B 235 -31.46 -13.20 13.52
C GLY B 235 -32.30 -12.05 12.99
N LYS B 236 -33.56 -12.31 12.62
CA LYS B 236 -34.43 -11.24 12.12
C LYS B 236 -34.65 -10.19 13.26
N ASN B 237 -34.78 -10.65 14.50
CA ASN B 237 -34.98 -9.67 15.59
C ASN B 237 -33.66 -8.97 15.94
N ALA B 238 -32.54 -9.64 15.70
CA ALA B 238 -31.25 -9.06 16.02
C ALA B 238 -31.02 -7.95 14.99
N GLU B 239 -31.48 -8.18 13.76
CA GLU B 239 -31.34 -7.21 12.69
C GLU B 239 -32.18 -5.97 12.94
N LEU B 240 -33.41 -6.19 13.41
CA LEU B 240 -34.36 -5.09 13.69
C LEU B 240 -33.81 -4.24 14.82
N ILE B 241 -33.29 -4.89 15.85
CA ILE B 241 -32.72 -4.19 17.01
C ILE B 241 -31.48 -3.38 16.58
N SER B 242 -30.63 -3.97 15.71
CA SER B 242 -29.43 -3.30 15.23
C SER B 242 -29.77 -2.06 14.44
N GLU B 243 -30.80 -2.18 13.61
CA GLU B 243 -31.24 -1.08 12.76
C GLU B 243 -31.82 0.07 13.62
N LYS B 244 -32.54 -0.30 14.69
CA LYS B 244 -33.14 0.68 15.57
C LYS B 244 -32.05 1.43 16.35
N ILE B 245 -31.04 0.68 16.82
CA ILE B 245 -29.92 1.29 17.57
C ILE B 245 -29.09 2.21 16.72
N LEU B 246 -28.78 1.79 15.48
CA LEU B 246 -27.97 2.55 14.54
C LEU B 246 -28.68 3.86 14.12
N LYS B 247 -30.00 3.79 13.99
CA LYS B 247 -30.82 4.97 13.67
C LYS B 247 -30.85 5.94 14.91
N GLU B 248 -31.00 5.37 16.11
CA GLU B 248 -31.05 6.12 17.39
C GLU B 248 -29.75 6.83 17.73
N MET B 249 -28.63 6.28 17.26
CA MET B 249 -27.31 6.85 17.50
C MET B 249 -26.94 7.82 16.39
N GLY B 250 -27.84 7.94 15.41
CA GLY B 250 -27.62 8.82 14.28
C GLY B 250 -26.67 8.36 13.19
N VAL B 251 -26.43 7.05 13.14
CA VAL B 251 -25.56 6.44 12.14
C VAL B 251 -26.29 6.27 10.81
N LEU B 252 -27.58 5.93 10.92
CA LEU B 252 -28.44 5.67 9.76
C LEU B 252 -29.43 6.83 9.56
N ASN C 8 15.26 -24.98 -15.98
CA ASN C 8 16.47 -24.22 -16.44
C ASN C 8 16.04 -22.91 -17.08
N TYR C 9 16.97 -21.96 -17.12
CA TYR C 9 16.74 -20.66 -17.72
C TYR C 9 17.26 -20.73 -19.14
N LYS C 10 16.36 -20.49 -20.07
CA LYS C 10 16.65 -20.63 -21.49
C LYS C 10 16.68 -19.36 -22.33
N LYS C 11 16.18 -18.25 -21.79
CA LYS C 11 16.14 -16.98 -22.54
C LYS C 11 17.51 -16.53 -22.96
N PRO C 12 17.66 -16.16 -24.25
CA PRO C 12 18.98 -15.73 -24.65
C PRO C 12 19.40 -14.44 -24.02
N LEU C 13 20.70 -14.32 -23.89
CA LEU C 13 21.28 -13.13 -23.35
C LEU C 13 21.86 -12.41 -24.58
N HIS C 14 21.27 -11.28 -24.94
CA HIS C 14 21.74 -10.52 -26.11
C HIS C 14 22.91 -9.66 -25.70
N ASN C 15 23.95 -10.30 -25.16
CA ASN C 15 25.14 -9.61 -24.66
C ASN C 15 26.38 -10.41 -25.06
N ASP C 16 27.41 -9.72 -25.55
CA ASP C 16 28.69 -10.37 -25.90
C ASP C 16 29.42 -10.42 -24.56
N TYR C 17 28.98 -11.33 -23.71
CA TYR C 17 29.55 -11.49 -22.38
C TYR C 17 31.00 -11.99 -22.38
N GLN C 18 31.66 -11.76 -21.25
CA GLN C 18 33.07 -12.12 -21.09
C GLN C 18 33.08 -13.40 -20.27
N ILE C 19 33.67 -14.47 -20.83
CA ILE C 19 33.79 -15.74 -20.13
C ILE C 19 34.93 -15.66 -19.11
N LEU C 20 34.65 -16.27 -17.97
CA LEU C 20 35.61 -16.30 -16.90
C LEU C 20 35.94 -17.73 -16.54
N ASP C 21 37.16 -17.93 -16.01
CA ASP C 21 37.50 -19.23 -15.43
C ASP C 21 37.96 -18.86 -14.01
N LYS C 22 37.06 -19.03 -13.04
CA LYS C 22 37.40 -18.74 -11.65
C LYS C 22 37.47 -20.06 -10.87
N SER C 23 37.81 -21.17 -11.55
CA SER C 23 37.89 -22.47 -10.86
C SER C 23 38.88 -22.52 -9.70
N LYS C 24 39.97 -21.73 -9.77
CA LYS C 24 41.01 -21.68 -8.72
C LYS C 24 40.40 -21.18 -7.43
N ILE C 25 39.64 -20.10 -7.54
CA ILE C 25 38.97 -19.50 -6.39
C ILE C 25 37.85 -20.42 -5.86
N PHE C 26 37.06 -21.08 -6.71
CA PHE C 26 36.01 -22.01 -6.22
C PHE C 26 36.66 -23.20 -5.51
N GLY C 27 37.86 -23.59 -5.94
CA GLY C 27 38.53 -24.70 -5.23
C GLY C 27 37.74 -25.98 -5.22
N SER C 28 37.48 -26.53 -4.03
CA SER C 28 36.74 -27.77 -3.86
C SER C 28 35.23 -27.56 -3.89
N ASN C 29 34.82 -26.30 -4.11
CA ASN C 29 33.41 -25.95 -4.19
C ASN C 29 32.98 -25.86 -5.66
N SER C 30 31.75 -26.23 -5.92
CA SER C 30 31.23 -26.15 -7.29
C SER C 30 30.14 -25.13 -7.40
N GLY C 31 30.04 -24.52 -8.58
CA GLY C 31 28.99 -23.53 -8.80
C GLY C 31 29.29 -22.55 -9.93
N SER C 32 28.69 -21.35 -9.83
CA SER C 32 28.89 -20.33 -10.87
C SER C 32 28.93 -18.92 -10.29
N PHE C 33 29.47 -17.98 -11.08
CA PHE C 33 29.55 -16.59 -10.69
C PHE C 33 29.11 -15.78 -11.91
N VAL C 34 28.28 -14.77 -11.66
CA VAL C 34 27.83 -13.86 -12.74
C VAL C 34 27.99 -12.44 -12.29
N MET C 35 28.52 -11.58 -13.14
CA MET C 35 28.63 -10.17 -12.79
C MET C 35 28.13 -9.33 -13.96
N TYR C 36 27.56 -8.16 -13.64
CA TYR C 36 27.09 -7.24 -14.70
C TYR C 36 27.62 -5.86 -14.40
N SER C 37 28.27 -5.23 -15.41
CA SER C 37 28.76 -3.86 -15.25
C SER C 37 27.71 -2.91 -15.89
N MET C 38 27.29 -1.89 -15.13
CA MET C 38 26.31 -0.91 -15.62
C MET C 38 26.91 -0.01 -16.67
N LYS C 39 28.12 0.43 -16.44
CA LYS C 39 28.77 1.37 -17.38
C LYS C 39 29.08 0.70 -18.69
N LYS C 40 29.58 -0.52 -18.59
CA LYS C 40 29.95 -1.26 -19.78
C LYS C 40 28.82 -2.05 -20.42
N ASP C 41 27.67 -2.16 -19.74
CA ASP C 41 26.50 -2.96 -20.20
C ASP C 41 27.03 -4.35 -20.65
N LYS C 42 27.78 -4.99 -19.74
CA LYS C 42 28.44 -6.23 -20.04
C LYS C 42 28.32 -7.24 -18.92
N TYR C 43 28.03 -8.49 -19.27
CA TYR C 43 27.98 -9.58 -18.29
C TYR C 43 29.33 -10.33 -18.32
N TYR C 44 29.70 -10.89 -17.17
CA TYR C 44 30.92 -11.66 -16.96
C TYR C 44 30.40 -12.92 -16.30
N ILE C 45 30.65 -14.06 -16.95
CA ILE C 45 30.14 -15.30 -16.42
C ILE C 45 31.18 -16.40 -16.28
N TYR C 46 31.21 -17.02 -15.10
CA TYR C 46 32.00 -18.25 -14.87
C TYR C 46 31.01 -19.39 -14.80
N ASN C 47 31.20 -20.40 -15.67
CA ASN C 47 30.41 -21.63 -15.73
C ASN C 47 28.99 -21.29 -16.22
N GLU C 48 28.91 -20.95 -17.49
CA GLU C 48 27.63 -20.53 -18.03
C GLU C 48 26.49 -21.55 -17.95
N LYS C 49 26.79 -22.80 -18.28
CA LYS C 49 25.75 -23.84 -18.24
C LYS C 49 25.13 -23.90 -16.84
N GLU C 50 26.00 -23.89 -15.83
CA GLU C 50 25.60 -23.95 -14.43
C GLU C 50 24.87 -22.69 -13.96
N SER C 51 25.24 -21.58 -14.57
CA SER C 51 24.63 -20.27 -14.22
C SER C 51 23.18 -20.21 -14.66
N ARG C 52 22.82 -21.12 -15.57
CA ARG C 52 21.43 -21.20 -16.06
C ARG C 52 20.54 -22.22 -15.35
N LYS C 53 21.14 -23.05 -14.48
CA LYS C 53 20.36 -24.03 -13.72
C LYS C 53 19.60 -23.34 -12.58
N ARG C 54 18.30 -23.65 -12.47
CA ARG C 54 17.49 -23.00 -11.45
C ARG C 54 17.51 -23.76 -10.12
N TYR C 55 17.63 -23.01 -9.03
CA TYR C 55 17.67 -23.56 -7.68
C TYR C 55 16.80 -22.70 -6.76
N SER C 56 16.41 -23.24 -5.61
CA SER C 56 15.60 -22.43 -4.67
C SER C 56 16.42 -21.20 -4.23
N PRO C 57 15.80 -20.04 -4.14
CA PRO C 57 16.58 -18.86 -3.74
C PRO C 57 16.85 -18.77 -2.22
N ASN C 58 16.25 -19.61 -1.44
CA ASN C 58 16.14 -19.61 0.02
C ASN C 58 16.22 -18.17 0.52
N SER C 59 17.22 -17.84 1.28
CA SER C 59 17.19 -16.49 1.88
C SER C 59 17.47 -15.35 0.93
N THR C 60 17.94 -15.52 -0.30
CA THR C 60 18.13 -14.31 -1.15
C THR C 60 16.75 -13.79 -1.51
N TYR C 61 15.69 -14.61 -1.30
CA TYR C 61 14.33 -14.13 -1.65
C TYR C 61 13.86 -13.03 -0.68
N LYS C 62 14.55 -12.91 0.47
CA LYS C 62 14.22 -11.84 1.45
C LYS C 62 14.38 -10.45 0.82
N ILE C 63 15.24 -10.35 -0.20
CA ILE C 63 15.38 -9.10 -0.96
C ILE C 63 14.02 -8.66 -1.52
N TYR C 64 13.32 -9.62 -2.10
CA TYR C 64 12.03 -9.34 -2.75
C TYR C 64 10.90 -9.26 -1.72
N LEU C 65 10.96 -10.05 -0.65
CA LEU C 65 9.88 -9.94 0.40
C LEU C 65 9.98 -8.60 1.07
N ALA C 66 11.21 -8.10 1.17
CA ALA C 66 11.39 -6.78 1.73
C ALA C 66 10.77 -5.75 0.75
N MET C 67 11.08 -5.85 -0.54
CA MET C 67 10.53 -4.86 -1.50
C MET C 67 9.00 -4.94 -1.50
N PHE C 68 8.48 -6.17 -1.42
CA PHE C 68 6.99 -6.31 -1.42
C PHE C 68 6.35 -5.76 -0.17
N GLY C 69 7.01 -5.98 0.98
CA GLY C 69 6.51 -5.45 2.25
C GLY C 69 6.53 -3.91 2.27
N LEU C 70 7.56 -3.29 1.69
CA LEU C 70 7.63 -1.82 1.64
C LEU C 70 6.61 -1.28 0.65
N ASP C 71 6.51 -1.93 -0.52
CA ASP C 71 5.58 -1.50 -1.58
C ASP C 71 4.12 -1.52 -1.07
N ARG C 72 3.78 -2.57 -0.33
CA ARG C 72 2.43 -2.71 0.22
C ARG C 72 2.21 -2.04 1.57
N HIS C 73 3.25 -1.36 2.09
CA HIS C 73 3.22 -0.64 3.37
C HIS C 73 3.02 -1.53 4.59
N ILE C 74 3.41 -2.81 4.43
CA ILE C 74 3.35 -3.76 5.54
C ILE C 74 4.41 -3.22 6.53
N ILE C 75 5.49 -2.69 5.97
CA ILE C 75 6.57 -2.00 6.75
C ILE C 75 6.88 -0.67 5.99
N ASN C 76 7.50 0.33 6.63
CA ASN C 76 7.82 1.63 5.97
C ASN C 76 9.11 2.25 6.55
N ASP C 77 9.41 3.48 6.14
CA ASP C 77 10.60 4.22 6.54
C ASP C 77 10.68 4.71 7.99
N GLU C 78 9.53 4.99 8.59
CA GLU C 78 9.44 5.45 9.96
C GLU C 78 9.37 4.25 10.90
N ASN C 79 8.71 3.19 10.44
CA ASN C 79 8.51 1.98 11.26
C ASN C 79 8.54 0.67 10.45
N SER C 80 9.59 -0.10 10.65
CA SER C 80 9.72 -1.41 9.99
C SER C 80 9.96 -2.43 11.13
N ARG C 81 9.68 -2.02 12.38
CA ARG C 81 9.84 -2.88 13.54
C ARG C 81 8.78 -3.96 13.64
N MET C 82 9.19 -5.12 14.14
CA MET C 82 8.27 -6.23 14.42
C MET C 82 8.67 -6.79 15.75
N SER C 83 7.67 -6.98 16.61
CA SER C 83 7.96 -7.50 17.94
C SER C 83 8.17 -9.02 17.83
N TRP C 84 9.01 -9.53 18.71
CA TRP C 84 9.27 -10.96 18.85
C TRP C 84 8.04 -11.54 19.57
N ASN C 85 7.58 -12.71 19.12
CA ASN C 85 6.39 -13.33 19.74
C ASN C 85 6.78 -14.24 20.93
N HIS C 86 8.03 -14.12 21.37
CA HIS C 86 8.61 -14.90 22.47
C HIS C 86 9.03 -16.34 22.17
N LYS C 87 8.77 -16.83 20.97
CA LYS C 87 9.20 -18.18 20.60
C LYS C 87 10.72 -18.27 20.55
N HIS C 88 11.26 -19.30 21.19
CA HIS C 88 12.68 -19.52 21.24
C HIS C 88 13.22 -20.02 19.91
N TYR C 89 14.11 -19.24 19.29
CA TYR C 89 14.75 -19.64 18.04
C TYR C 89 16.17 -20.12 18.38
N PRO C 90 16.81 -20.89 17.47
CA PRO C 90 18.17 -21.40 17.72
C PRO C 90 19.31 -20.39 17.45
N PHE C 91 18.96 -19.15 17.11
CA PHE C 91 19.96 -18.14 16.82
C PHE C 91 19.60 -16.97 17.73
N ASP C 92 20.51 -16.63 18.65
CA ASP C 92 20.26 -15.57 19.62
C ASP C 92 19.80 -14.25 19.00
N ALA C 93 20.38 -13.94 17.83
CA ALA C 93 20.02 -12.72 17.12
C ALA C 93 18.54 -12.66 16.68
N TRP C 94 17.88 -13.80 16.64
CA TRP C 94 16.47 -13.86 16.24
C TRP C 94 15.51 -13.73 17.44
N ASN C 95 16.03 -13.86 18.65
CA ASN C 95 15.18 -13.82 19.84
C ASN C 95 15.03 -12.43 20.42
N LYS C 96 14.54 -11.52 19.58
CA LYS C 96 14.38 -10.14 19.97
C LYS C 96 13.58 -9.41 18.90
N GLU C 97 13.11 -8.19 19.22
CA GLU C 97 12.39 -7.37 18.24
C GLU C 97 13.39 -7.09 17.12
N GLN C 98 12.84 -6.83 15.95
CA GLN C 98 13.65 -6.59 14.75
C GLN C 98 13.14 -5.39 13.97
N ASP C 99 14.00 -4.84 13.11
CA ASP C 99 13.55 -3.86 12.15
C ASP C 99 14.10 -4.43 10.82
N LEU C 100 13.86 -3.79 9.69
CA LEU C 100 14.35 -4.39 8.44
C LEU C 100 15.86 -4.62 8.44
N ASN C 101 16.60 -3.64 8.94
CA ASN C 101 18.07 -3.76 8.92
C ASN C 101 18.57 -4.93 9.76
N THR C 102 18.01 -5.13 10.96
CA THR C 102 18.53 -6.24 11.81
C THR C 102 18.09 -7.60 11.23
N ALA C 103 16.88 -7.63 10.68
CA ALA C 103 16.32 -8.81 10.06
C ALA C 103 17.08 -9.24 8.85
N MET C 104 17.52 -8.27 8.05
CA MET C 104 18.26 -8.63 6.86
C MET C 104 19.68 -9.11 7.22
N GLN C 105 20.29 -8.33 8.13
CA GLN C 105 21.65 -8.59 8.56
C GLN C 105 21.80 -9.95 9.19
N ASN C 106 20.85 -10.30 10.06
CA ASN C 106 20.93 -11.57 10.78
C ASN C 106 20.07 -12.67 10.18
N SER C 107 19.61 -12.46 8.93
CA SER C 107 18.73 -13.37 8.15
C SER C 107 17.68 -14.04 9.06
N VAL C 108 16.88 -13.18 9.67
CA VAL C 108 15.84 -13.58 10.63
C VAL C 108 14.65 -14.11 9.88
N ASN C 109 14.59 -15.44 9.69
CA ASN C 109 13.50 -16.02 8.94
C ASN C 109 12.07 -15.59 9.31
N TRP C 110 11.78 -15.49 10.62
CA TRP C 110 10.44 -15.17 11.01
C TRP C 110 9.90 -13.81 10.58
N TYR C 111 10.81 -12.84 10.54
CA TYR C 111 10.48 -11.46 10.13
C TYR C 111 9.90 -11.51 8.71
N PHE C 112 10.61 -12.20 7.82
CA PHE C 112 10.16 -12.24 6.40
C PHE C 112 8.97 -13.16 6.18
N GLU C 113 8.86 -14.17 7.04
CA GLU C 113 7.70 -15.07 6.94
C GLU C 113 6.45 -14.29 7.38
N ARG C 114 6.61 -13.40 8.36
CA ARG C 114 5.48 -12.55 8.82
C ARG C 114 5.05 -11.62 7.68
N ILE C 115 6.02 -11.07 6.95
CA ILE C 115 5.69 -10.23 5.80
C ILE C 115 4.94 -11.06 4.77
N SER C 116 5.49 -12.23 4.44
CA SER C 116 4.87 -13.07 3.40
C SER C 116 3.42 -13.48 3.69
N ASP C 117 3.17 -13.72 4.97
CA ASP C 117 1.83 -14.12 5.44
C ASP C 117 0.79 -13.06 5.20
N GLN C 118 1.21 -11.80 5.01
CA GLN C 118 0.27 -10.71 4.77
C GLN C 118 0.07 -10.37 3.28
N ILE C 119 0.78 -11.03 2.39
CA ILE C 119 0.70 -10.67 0.97
C ILE C 119 -0.23 -11.58 0.19
N PRO C 120 -1.22 -11.01 -0.50
CA PRO C 120 -2.12 -11.89 -1.28
C PRO C 120 -1.34 -12.61 -2.40
N LYS C 121 -1.76 -13.84 -2.67
CA LYS C 121 -1.14 -14.59 -3.75
C LYS C 121 -1.16 -13.89 -5.10
N ASN C 122 -2.26 -13.20 -5.46
CA ASN C 122 -2.31 -12.51 -6.77
C ASN C 122 -1.24 -11.43 -6.94
N TYR C 123 -0.97 -10.72 -5.84
CA TYR C 123 0.07 -9.68 -5.88
C TYR C 123 1.43 -10.30 -6.20
N THR C 124 1.74 -11.37 -5.48
CA THR C 124 3.05 -12.05 -5.64
C THR C 124 3.18 -12.61 -7.03
N ALA C 125 2.13 -13.27 -7.52
CA ALA C 125 2.18 -13.80 -8.90
C ALA C 125 2.40 -12.66 -9.90
N THR C 126 1.74 -11.53 -9.68
CA THR C 126 1.90 -10.36 -10.57
C THR C 126 3.33 -9.81 -10.59
N GLN C 127 3.89 -9.70 -9.39
CA GLN C 127 5.25 -9.22 -9.25
C GLN C 127 6.30 -10.17 -9.81
N LEU C 128 6.14 -11.47 -9.61
CA LEU C 128 7.11 -12.42 -10.15
C LEU C 128 7.05 -12.42 -11.66
N LYS C 129 5.86 -12.26 -12.22
CA LYS C 129 5.74 -12.17 -13.68
C LYS C 129 6.43 -10.90 -14.19
N GLN C 130 6.17 -9.74 -13.60
CA GLN C 130 6.77 -8.43 -14.00
C GLN C 130 8.28 -8.41 -13.82
N LEU C 131 8.74 -9.06 -12.77
CA LEU C 131 10.17 -9.14 -12.46
C LEU C 131 10.89 -10.24 -13.24
N ASN C 132 10.12 -11.15 -13.86
CA ASN C 132 10.66 -12.33 -14.59
C ASN C 132 11.47 -13.17 -13.62
N TYR C 133 10.90 -13.38 -12.44
CA TYR C 133 11.62 -14.11 -11.42
C TYR C 133 11.59 -15.64 -11.59
N GLY C 134 12.65 -16.18 -12.19
CA GLY C 134 12.82 -17.64 -12.29
C GLY C 134 11.64 -18.38 -12.87
N ASN C 135 11.27 -19.47 -12.24
CA ASN C 135 10.13 -20.28 -12.72
C ASN C 135 8.77 -19.74 -12.27
N LYS C 136 8.76 -18.67 -11.46
CA LYS C 136 7.53 -18.04 -10.93
C LYS C 136 6.60 -19.08 -10.28
N ASN C 137 7.15 -20.18 -9.79
CA ASN C 137 6.31 -21.23 -9.21
C ASN C 137 6.10 -21.07 -7.71
N LEU C 138 4.91 -20.61 -7.34
CA LEU C 138 4.55 -20.40 -5.95
C LEU C 138 4.12 -21.66 -5.23
N GLY C 139 3.76 -22.70 -5.98
CA GLY C 139 3.36 -23.96 -5.37
C GLY C 139 2.21 -23.77 -4.40
N SER C 140 2.39 -24.33 -3.19
CA SER C 140 1.42 -24.30 -2.08
C SER C 140 1.27 -22.90 -1.50
N TYR C 141 2.20 -22.02 -1.88
CA TYR C 141 2.26 -20.63 -1.43
C TYR C 141 2.44 -20.58 0.10
N LYS C 142 3.31 -21.47 0.62
CA LYS C 142 3.61 -21.47 2.05
C LYS C 142 5.02 -20.90 2.12
N SER C 143 6.00 -21.66 2.59
CA SER C 143 7.41 -21.13 2.63
C SER C 143 7.99 -21.51 1.26
N TYR C 144 7.34 -20.97 0.22
CA TYR C 144 7.66 -21.35 -1.16
C TYR C 144 9.07 -21.05 -1.65
N TRP C 145 9.73 -20.15 -0.95
CA TRP C 145 11.09 -19.80 -1.34
C TRP C 145 12.14 -20.62 -0.64
N MET C 146 11.70 -21.47 0.30
CA MET C 146 12.63 -22.28 1.11
C MET C 146 12.69 -23.72 0.65
N GLU C 147 13.65 -23.97 -0.24
CA GLU C 147 13.89 -25.30 -0.85
C GLU C 147 12.56 -25.94 -1.20
N ASP C 148 11.76 -25.22 -1.98
CA ASP C 148 10.41 -25.64 -2.34
C ASP C 148 10.16 -25.44 -3.83
N SER C 149 9.01 -24.89 -4.17
CA SER C 149 8.64 -24.74 -5.57
C SER C 149 9.35 -23.67 -6.39
N LEU C 150 9.64 -22.54 -5.73
CA LEU C 150 10.25 -21.37 -6.42
C LEU C 150 11.71 -21.60 -6.68
N LYS C 151 12.12 -21.41 -7.94
CA LYS C 151 13.51 -21.61 -8.34
C LYS C 151 13.97 -20.52 -9.31
N ILE C 152 15.23 -20.13 -9.19
CA ILE C 152 15.82 -19.08 -10.00
C ILE C 152 17.29 -19.43 -10.26
N SER C 153 17.81 -19.10 -11.45
CA SER C 153 19.19 -19.41 -11.80
C SER C 153 20.09 -18.29 -11.31
N ASN C 154 21.37 -18.54 -11.28
CA ASN C 154 22.34 -17.56 -10.87
C ASN C 154 22.41 -16.39 -11.86
N LEU C 155 22.32 -16.70 -13.16
CA LEU C 155 22.31 -15.62 -14.16
C LEU C 155 21.03 -14.77 -13.96
N GLU C 156 19.88 -15.41 -13.69
CA GLU C 156 18.67 -14.63 -13.45
C GLU C 156 18.75 -13.81 -12.18
N GLN C 157 19.42 -14.30 -11.14
CA GLN C 157 19.50 -13.48 -9.89
C GLN C 157 20.09 -12.11 -10.18
N VAL C 158 21.06 -12.08 -11.10
CA VAL C 158 21.72 -10.83 -11.46
C VAL C 158 20.83 -9.99 -12.39
N ILE C 159 20.29 -10.64 -13.42
CA ILE C 159 19.41 -9.91 -14.37
C ILE C 159 18.16 -9.31 -13.65
N VAL C 160 17.50 -10.14 -12.82
CA VAL C 160 16.27 -9.71 -12.11
C VAL C 160 16.56 -8.59 -11.11
N PHE C 161 17.62 -8.76 -10.30
CA PHE C 161 17.96 -7.76 -9.30
C PHE C 161 18.38 -6.43 -9.94
N LYS C 162 19.24 -6.50 -10.98
CA LYS C 162 19.67 -5.32 -11.72
C LYS C 162 18.41 -4.60 -12.29
N ASN C 163 17.53 -5.35 -12.96
CA ASN C 163 16.31 -4.70 -13.52
C ASN C 163 15.36 -4.11 -12.49
N MET C 164 15.11 -4.84 -11.39
CA MET C 164 14.26 -4.30 -10.32
C MET C 164 14.83 -3.00 -9.76
N MET C 165 16.15 -2.93 -9.59
CA MET C 165 16.71 -1.71 -9.01
C MET C 165 16.91 -0.54 -9.98
N GLU C 166 17.37 -0.86 -11.18
CA GLU C 166 17.73 0.18 -12.16
C GLU C 166 16.65 0.72 -13.07
N GLN C 167 15.61 -0.06 -13.31
CA GLN C 167 14.54 0.42 -14.18
C GLN C 167 13.50 1.26 -13.39
N ASN C 168 12.89 2.24 -14.08
CA ASN C 168 11.87 3.11 -13.46
C ASN C 168 10.49 2.46 -13.41
N ASN C 169 10.42 1.35 -12.67
CA ASN C 169 9.23 0.56 -12.51
C ASN C 169 8.28 1.11 -11.45
N HIS C 170 7.35 0.28 -11.04
CA HIS C 170 6.37 0.67 -10.07
C HIS C 170 6.91 0.72 -8.64
N PHE C 171 8.13 0.19 -8.39
CA PHE C 171 8.69 0.29 -7.03
C PHE C 171 9.28 1.70 -6.81
N SER C 172 8.97 2.28 -5.66
CA SER C 172 9.45 3.65 -5.36
C SER C 172 10.94 3.73 -5.10
N LYS C 173 11.54 4.89 -5.31
CA LYS C 173 12.97 5.13 -5.03
C LYS C 173 13.19 5.02 -3.51
N LYS C 174 12.22 5.51 -2.71
CA LYS C 174 12.29 5.41 -1.24
C LYS C 174 12.42 3.93 -0.81
N ALA C 175 11.60 3.07 -1.38
CA ALA C 175 11.61 1.62 -1.08
C ALA C 175 12.96 1.01 -1.48
N LYS C 176 13.39 1.32 -2.70
CA LYS C 176 14.70 0.81 -3.15
C LYS C 176 15.86 1.26 -2.24
N ASN C 177 15.80 2.51 -1.79
CA ASN C 177 16.88 3.01 -0.91
C ASN C 177 16.85 2.38 0.47
N GLN C 178 15.64 2.06 0.97
CA GLN C 178 15.49 1.45 2.29
C GLN C 178 16.03 0.01 2.18
N LEU C 179 15.71 -0.65 1.08
CA LEU C 179 16.22 -2.01 0.84
C LEU C 179 17.77 -1.95 0.77
N SER C 180 18.30 -0.99 -0.01
CA SER C 180 19.79 -0.86 -0.12
C SER C 180 20.46 -0.68 1.20
N SER C 181 19.91 0.20 2.03
CA SER C 181 20.46 0.40 3.35
C SER C 181 20.53 -0.91 4.17
N SER C 182 19.48 -1.74 4.04
CA SER C 182 19.44 -3.00 4.80
C SER C 182 20.46 -4.01 4.27
N LEU C 183 20.85 -3.86 3.00
CA LEU C 183 21.80 -4.78 2.36
C LEU C 183 23.25 -4.34 2.42
N LEU C 184 23.53 -3.12 2.93
CA LEU C 184 24.91 -2.65 2.96
C LEU C 184 25.75 -3.48 3.88
N ILE C 185 26.91 -3.93 3.38
CA ILE C 185 27.78 -4.79 4.20
C ILE C 185 29.04 -4.05 4.54
N LYS C 186 29.63 -3.41 3.54
CA LYS C 186 30.89 -2.69 3.75
C LYS C 186 30.96 -1.40 2.98
N LYS C 187 31.54 -0.37 3.61
CA LYS C 187 31.78 0.88 2.92
C LYS C 187 33.14 1.43 3.31
N ASN C 188 33.91 1.74 2.30
CA ASN C 188 35.19 2.43 2.57
C ASN C 188 35.36 3.53 1.51
N GLU C 189 36.56 4.11 1.41
CA GLU C 189 36.78 5.19 0.45
C GLU C 189 36.71 4.75 -1.00
N LYS C 190 36.84 3.45 -1.24
CA LYS C 190 36.86 2.93 -2.59
C LYS C 190 35.51 2.38 -3.07
N TYR C 191 34.75 1.76 -2.18
CA TYR C 191 33.49 1.20 -2.65
C TYR C 191 32.47 0.95 -1.54
N GLU C 192 31.27 0.60 -1.97
CA GLU C 192 30.18 0.25 -1.06
C GLU C 192 29.76 -1.13 -1.59
N LEU C 193 29.76 -2.12 -0.72
CA LEU C 193 29.36 -3.48 -1.13
C LEU C 193 28.08 -3.82 -0.43
N TYR C 194 27.15 -4.36 -1.20
CA TYR C 194 25.82 -4.72 -0.69
C TYR C 194 25.56 -6.16 -1.05
N GLY C 195 24.80 -6.87 -0.23
CA GLY C 195 24.54 -8.23 -0.63
C GLY C 195 23.72 -9.01 0.36
N LYS C 196 23.30 -10.21 -0.07
CA LYS C 196 22.51 -11.07 0.82
C LYS C 196 22.92 -12.50 0.63
N THR C 197 23.16 -13.18 1.76
CA THR C 197 23.51 -14.58 1.70
C THR C 197 22.28 -15.47 1.69
N GLY C 198 22.50 -16.71 1.29
CA GLY C 198 21.45 -17.70 1.34
C GLY C 198 22.08 -19.07 1.60
N THR C 199 21.48 -19.88 2.47
CA THR C 199 22.04 -21.21 2.80
C THR C 199 20.91 -22.19 3.00
N GLY C 200 20.98 -23.34 2.30
CA GLY C 200 19.99 -24.41 2.48
C GLY C 200 20.73 -25.61 3.08
N ILE C 201 20.03 -26.35 3.93
CA ILE C 201 20.61 -27.56 4.56
C ILE C 201 19.60 -28.69 4.38
N VAL C 202 20.01 -29.76 3.71
CA VAL C 202 19.12 -30.90 3.43
C VAL C 202 19.89 -32.19 3.69
N ASN C 203 19.29 -33.05 4.52
CA ASN C 203 19.87 -34.34 4.99
C ASN C 203 21.14 -34.10 5.81
N GLY C 204 21.14 -32.98 6.57
CA GLY C 204 22.25 -32.57 7.42
C GLY C 204 23.43 -31.85 6.75
N LYS C 205 23.43 -31.79 5.43
CA LYS C 205 24.53 -31.17 4.71
C LYS C 205 24.07 -29.90 3.98
N TYR C 206 24.96 -28.92 3.86
CA TYR C 206 24.61 -27.70 3.11
C TYR C 206 24.43 -28.17 1.66
N ASN C 207 23.43 -27.67 0.96
CA ASN C 207 23.24 -28.14 -0.39
C ASN C 207 22.99 -27.04 -1.39
N ASN C 208 22.94 -25.80 -0.93
CA ASN C 208 22.54 -24.71 -1.85
C ASN C 208 22.99 -23.41 -1.23
N GLY C 209 24.06 -22.80 -1.76
CA GLY C 209 24.57 -21.56 -1.15
C GLY C 209 24.54 -20.39 -2.13
N TRP C 210 24.21 -19.22 -1.63
CA TRP C 210 24.14 -18.01 -2.47
C TRP C 210 24.74 -16.77 -1.84
N PHE C 211 25.22 -15.87 -2.68
CA PHE C 211 25.49 -14.51 -2.23
C PHE C 211 25.12 -13.65 -3.46
N VAL C 212 24.13 -12.76 -3.27
CA VAL C 212 23.63 -11.94 -4.37
C VAL C 212 23.78 -10.49 -3.91
N GLY C 213 24.33 -9.62 -4.77
CA GLY C 213 24.50 -8.25 -4.29
C GLY C 213 24.97 -7.31 -5.39
N TYR C 214 25.51 -6.17 -4.94
CA TYR C 214 26.05 -5.21 -5.87
C TYR C 214 27.12 -4.37 -5.20
N VAL C 215 28.01 -3.82 -6.03
CA VAL C 215 29.07 -2.96 -5.55
C VAL C 215 29.00 -1.63 -6.27
N ILE C 216 29.15 -0.55 -5.51
CA ILE C 216 29.17 0.79 -6.14
C ILE C 216 30.60 1.29 -5.99
N THR C 217 31.27 1.58 -7.11
CA THR C 217 32.63 2.12 -7.02
C THR C 217 32.55 3.58 -7.42
N ASN C 218 33.70 4.26 -7.44
CA ASN C 218 33.78 5.65 -7.85
C ASN C 218 33.25 5.89 -9.30
N HIS C 219 33.42 4.92 -10.20
CA HIS C 219 32.92 5.14 -11.56
C HIS C 219 32.07 4.05 -12.19
N ASP C 220 31.67 3.05 -11.41
CA ASP C 220 30.79 2.04 -11.97
C ASP C 220 29.95 1.41 -10.86
N LYS C 221 29.01 0.58 -11.29
CA LYS C 221 28.15 -0.18 -10.39
C LYS C 221 28.03 -1.56 -10.97
N TYR C 222 28.36 -2.55 -10.15
CA TYR C 222 28.34 -3.92 -10.61
C TYR C 222 27.34 -4.76 -9.83
N TYR C 223 26.49 -5.50 -10.52
CA TYR C 223 25.56 -6.44 -9.83
C TYR C 223 26.21 -7.82 -9.94
N PHE C 224 26.09 -8.72 -8.93
CA PHE C 224 26.78 -10.02 -9.09
C PHE C 224 26.07 -11.06 -8.26
N ALA C 225 26.38 -12.32 -8.52
CA ALA C 225 25.81 -13.36 -7.69
C ALA C 225 26.65 -14.58 -7.85
N THR C 226 26.88 -15.22 -6.69
CA THR C 226 27.61 -16.47 -6.67
C THR C 226 26.66 -17.56 -6.24
N HIS C 227 26.67 -18.73 -6.92
CA HIS C 227 25.85 -19.84 -6.43
C HIS C 227 26.73 -21.05 -6.23
N LEU C 228 26.61 -21.71 -5.07
CA LEU C 228 27.39 -22.92 -4.83
C LEU C 228 26.39 -24.09 -4.78
N SER C 229 26.72 -25.17 -5.53
CA SER C 229 25.84 -26.35 -5.59
C SER C 229 26.51 -27.59 -4.99
N ASP C 230 27.82 -27.49 -4.73
CA ASP C 230 28.59 -28.60 -4.16
C ASP C 230 29.84 -28.19 -3.44
N GLY C 231 30.37 -29.12 -2.65
CA GLY C 231 31.57 -28.86 -1.87
C GLY C 231 31.11 -28.62 -0.46
N LYS C 232 31.15 -27.35 -0.05
CA LYS C 232 30.64 -26.86 1.25
C LYS C 232 29.79 -25.66 0.76
N PRO C 233 28.61 -25.93 0.18
CA PRO C 233 27.78 -24.83 -0.33
C PRO C 233 26.95 -23.98 0.61
N SER C 234 27.62 -23.13 1.33
CA SER C 234 26.96 -22.27 2.27
C SER C 234 26.94 -20.84 1.75
N GLY C 235 26.06 -20.02 2.32
CA GLY C 235 26.07 -18.58 1.98
C GLY C 235 27.39 -17.92 2.40
N LYS C 236 27.97 -18.37 3.54
CA LYS C 236 29.26 -17.82 3.99
C LYS C 236 30.35 -18.06 2.95
N ASN C 237 30.40 -19.28 2.42
CA ASN C 237 31.40 -19.62 1.41
C ASN C 237 31.09 -18.90 0.08
N ALA C 238 29.82 -18.74 -0.23
CA ALA C 238 29.45 -18.02 -1.46
C ALA C 238 29.89 -16.57 -1.35
N GLU C 239 29.73 -15.96 -0.17
CA GLU C 239 30.19 -14.60 0.03
C GLU C 239 31.72 -14.43 -0.02
N LEU C 240 32.42 -15.37 0.58
CA LEU C 240 33.88 -15.36 0.59
C LEU C 240 34.39 -15.46 -0.85
N ILE C 241 33.84 -16.41 -1.59
CA ILE C 241 34.19 -16.58 -3.03
C ILE C 241 33.88 -15.32 -3.85
N SER C 242 32.70 -14.75 -3.65
CA SER C 242 32.32 -13.52 -4.38
C SER C 242 33.35 -12.42 -4.12
N GLU C 243 33.73 -12.22 -2.85
CA GLU C 243 34.69 -11.18 -2.48
C GLU C 243 36.07 -11.40 -3.11
N LYS C 244 36.49 -12.67 -3.16
CA LYS C 244 37.79 -13.02 -3.75
C LYS C 244 37.77 -12.75 -5.26
N ILE C 245 36.64 -13.03 -5.91
CA ILE C 245 36.51 -12.83 -7.38
C ILE C 245 36.47 -11.32 -7.69
N LEU C 246 35.65 -10.58 -6.95
CA LEU C 246 35.57 -9.12 -7.14
C LEU C 246 36.93 -8.42 -6.96
N LYS C 247 37.70 -8.88 -5.96
CA LYS C 247 39.02 -8.37 -5.70
C LYS C 247 39.96 -8.67 -6.86
N GLU C 248 39.95 -9.94 -7.28
CA GLU C 248 40.81 -10.45 -8.36
C GLU C 248 40.47 -9.83 -9.70
N MET C 249 39.24 -9.37 -9.86
CA MET C 249 38.81 -8.76 -11.11
C MET C 249 39.04 -7.24 -11.19
N GLY C 250 39.58 -6.67 -10.11
CA GLY C 250 39.81 -5.24 -10.10
C GLY C 250 38.61 -4.38 -9.74
N VAL C 251 37.59 -4.97 -9.11
CA VAL C 251 36.42 -4.18 -8.76
C VAL C 251 36.59 -3.40 -7.44
N LEU C 252 37.53 -3.89 -6.62
CA LEU C 252 37.73 -3.33 -5.28
C LEU C 252 39.03 -2.55 -5.07
N ASN C 253 39.71 -2.21 -6.15
CA ASN C 253 41.00 -1.49 -6.08
C ASN C 253 40.96 0.03 -6.23
N GLY C 254 39.76 0.57 -6.15
CA GLY C 254 39.55 2.00 -6.27
C GLY C 254 39.24 2.39 -7.71
N GLN C 255 39.62 1.52 -8.65
CA GLN C 255 39.47 1.68 -10.09
C GLN C 255 40.08 3.01 -10.63
N ASN D 8 31.71 32.75 24.83
CA ASN D 8 32.04 31.29 24.96
C ASN D 8 30.83 30.53 25.52
N TYR D 9 30.88 29.19 25.48
CA TYR D 9 29.79 28.36 25.99
C TYR D 9 30.02 28.22 27.50
N LYS D 10 29.09 28.70 28.31
CA LYS D 10 29.28 28.66 29.77
C LYS D 10 28.48 27.62 30.59
N LYS D 11 27.46 26.99 30.02
CA LYS D 11 26.62 26.04 30.79
C LYS D 11 27.36 24.80 31.29
N PRO D 12 27.42 24.61 32.62
CA PRO D 12 28.16 23.40 33.06
C PRO D 12 27.52 22.06 32.74
N LEU D 13 28.36 21.02 32.60
CA LEU D 13 27.86 19.67 32.35
C LEU D 13 27.31 19.12 33.65
N HIS D 14 26.17 18.44 33.55
CA HIS D 14 25.53 17.84 34.71
C HIS D 14 25.93 16.35 34.84
N ASN D 15 26.28 15.72 33.72
CA ASN D 15 26.65 14.30 33.76
C ASN D 15 28.13 14.04 33.98
N ASP D 16 28.43 12.77 34.18
CA ASP D 16 29.81 12.33 34.42
C ASP D 16 30.68 12.69 33.22
N TYR D 17 31.92 13.10 33.51
CA TYR D 17 32.84 13.40 32.45
C TYR D 17 34.23 13.13 32.87
N GLN D 18 35.08 13.02 31.87
CA GLN D 18 36.49 12.79 32.10
C GLN D 18 37.32 13.65 31.19
N ILE D 19 38.35 14.29 31.78
CA ILE D 19 39.28 15.12 31.03
C ILE D 19 40.42 14.23 30.58
N LEU D 20 40.63 14.24 29.27
CA LEU D 20 41.67 13.45 28.61
C LEU D 20 42.86 14.32 28.19
N ASP D 21 43.97 13.64 27.85
CA ASP D 21 45.15 14.32 27.34
C ASP D 21 45.51 13.62 26.03
N LYS D 22 45.05 14.21 24.92
CA LYS D 22 45.33 13.69 23.59
C LYS D 22 46.29 14.63 22.88
N SER D 23 47.09 15.38 23.68
CA SER D 23 48.07 16.31 23.10
C SER D 23 49.08 15.66 22.13
N LYS D 24 49.52 14.42 22.42
CA LYS D 24 50.43 13.75 21.47
C LYS D 24 49.82 13.56 20.08
N ILE D 25 48.55 13.12 20.04
CA ILE D 25 47.83 12.89 18.77
C ILE D 25 47.68 14.21 17.99
N PHE D 26 47.37 15.29 18.70
CA PHE D 26 47.22 16.61 18.08
C PHE D 26 48.52 17.11 17.49
N GLY D 27 49.64 16.84 18.18
CA GLY D 27 50.96 17.24 17.70
C GLY D 27 51.15 18.71 17.48
N SER D 28 51.42 19.06 16.22
CA SER D 28 51.65 20.46 15.82
C SER D 28 50.33 21.22 15.65
N ASN D 29 49.23 20.48 15.66
CA ASN D 29 47.91 21.10 15.53
C ASN D 29 47.33 21.37 16.92
N SER D 30 46.56 22.46 17.03
CA SER D 30 45.94 22.82 18.30
C SER D 30 44.45 22.74 18.14
N GLY D 31 43.77 22.32 19.19
CA GLY D 31 42.33 22.24 19.16
C GLY D 31 41.76 21.55 20.36
N SER D 32 40.62 20.88 20.16
CA SER D 32 39.96 20.17 21.20
C SER D 32 39.22 18.96 20.65
N PHE D 33 38.93 18.02 21.54
CA PHE D 33 38.20 16.81 21.13
C PHE D 33 37.17 16.52 22.17
N VAL D 34 35.94 16.22 21.74
CA VAL D 34 34.88 15.87 22.68
C VAL D 34 34.17 14.60 22.20
N MET D 35 33.94 13.65 23.12
CA MET D 35 33.20 12.45 22.82
C MET D 35 32.13 12.19 23.89
N TYR D 36 31.00 11.60 23.47
CA TYR D 36 29.92 11.26 24.38
C TYR D 36 29.53 9.81 24.17
N SER D 37 29.48 9.07 25.27
CA SER D 37 29.03 7.68 25.25
C SER D 37 27.56 7.60 25.64
N MET D 38 26.74 7.03 24.74
CA MET D 38 25.32 6.86 25.03
C MET D 38 25.04 5.95 26.25
N LYS D 39 25.67 4.78 26.26
CA LYS D 39 25.48 3.75 27.31
C LYS D 39 25.98 4.22 28.67
N LYS D 40 27.09 4.93 28.65
CA LYS D 40 27.66 5.44 29.89
C LYS D 40 27.17 6.82 30.28
N ASP D 41 26.49 7.54 29.37
CA ASP D 41 26.00 8.91 29.61
C ASP D 41 27.17 9.77 30.16
N LYS D 42 28.30 9.68 29.46
CA LYS D 42 29.54 10.30 29.86
C LYS D 42 30.26 11.02 28.74
N TYR D 43 30.83 12.17 29.10
CA TYR D 43 31.63 12.97 28.17
C TYR D 43 33.10 12.76 28.43
N TYR D 44 33.88 12.82 27.37
CA TYR D 44 35.33 12.68 27.41
C TYR D 44 35.79 13.89 26.66
N ILE D 45 36.64 14.70 27.30
CA ILE D 45 37.03 15.97 26.72
C ILE D 45 38.50 16.24 26.82
N TYR D 46 39.11 16.55 25.69
CA TYR D 46 40.48 16.99 25.65
C TYR D 46 40.42 18.51 25.42
N ASN D 47 41.19 19.25 26.26
CA ASN D 47 41.29 20.72 26.25
C ASN D 47 39.91 21.38 26.55
N GLU D 48 39.51 21.28 27.82
CA GLU D 48 38.21 21.75 28.31
C GLU D 48 37.86 23.19 28.01
N LYS D 49 38.77 24.11 28.33
CA LYS D 49 38.54 25.56 28.10
C LYS D 49 38.35 25.83 26.59
N GLU D 50 39.21 25.20 25.80
CA GLU D 50 39.15 25.34 24.36
C GLU D 50 37.89 24.69 23.70
N SER D 51 37.37 23.62 24.29
CA SER D 51 36.16 22.94 23.81
C SER D 51 34.92 23.84 23.98
N ARG D 52 35.05 24.87 24.83
CA ARG D 52 33.94 25.78 25.09
C ARG D 52 34.01 27.07 24.29
N LYS D 53 35.08 27.27 23.51
CA LYS D 53 35.27 28.46 22.67
C LYS D 53 34.41 28.33 21.42
N ARG D 54 33.66 29.38 21.09
CA ARG D 54 32.75 29.32 19.91
C ARG D 54 33.41 29.77 18.63
N TYR D 55 33.19 28.97 17.58
CA TYR D 55 33.78 29.20 16.28
C TYR D 55 32.71 28.98 15.21
N SER D 56 32.89 29.59 14.05
CA SER D 56 31.96 29.36 12.95
C SER D 56 31.94 27.86 12.62
N PRO D 57 30.74 27.29 12.41
CA PRO D 57 30.68 25.85 12.10
C PRO D 57 31.05 25.49 10.68
N ASN D 58 31.28 26.43 9.85
CA ASN D 58 31.31 26.45 8.39
C ASN D 58 30.58 25.21 7.84
N SER D 59 31.24 24.32 7.19
CA SER D 59 30.49 23.22 6.57
C SER D 59 29.81 22.24 7.56
N THR D 60 30.13 22.15 8.84
CA THR D 60 29.39 21.17 9.66
C THR D 60 27.95 21.62 9.80
N TYR D 61 27.69 22.92 9.41
CA TYR D 61 26.30 23.38 9.49
C TYR D 61 25.41 22.70 8.42
N LYS D 62 26.04 22.09 7.39
CA LYS D 62 25.26 21.40 6.39
C LYS D 62 24.42 20.28 6.98
N ILE D 63 24.86 19.72 8.12
CA ILE D 63 24.09 18.66 8.80
C ILE D 63 22.68 19.24 9.11
N TYR D 64 22.67 20.46 9.62
CA TYR D 64 21.44 21.15 9.99
C TYR D 64 20.68 21.70 8.80
N LEU D 65 21.38 22.17 7.79
CA LEU D 65 20.65 22.64 6.58
C LEU D 65 19.96 21.44 5.94
N ALA D 66 20.61 20.27 5.96
CA ALA D 66 20.01 19.03 5.45
C ALA D 66 18.74 18.70 6.24
N MET D 67 18.83 18.72 7.57
CA MET D 67 17.66 18.44 8.41
C MET D 67 16.50 19.40 8.17
N PHE D 68 16.83 20.68 8.02
CA PHE D 68 15.82 21.72 7.79
C PHE D 68 15.19 21.53 6.40
N GLY D 69 16.04 21.19 5.42
CA GLY D 69 15.60 20.91 4.08
C GLY D 69 14.64 19.72 4.06
N LEU D 70 14.95 18.73 4.88
CA LEU D 70 14.08 17.56 4.95
C LEU D 70 12.81 17.87 5.69
N ASP D 71 12.94 18.61 6.80
CA ASP D 71 11.77 18.97 7.59
C ASP D 71 10.77 19.87 6.85
N ARG D 72 11.29 20.72 5.97
CA ARG D 72 10.46 21.68 5.21
C ARG D 72 10.03 21.12 3.84
N HIS D 73 10.32 19.85 3.62
CA HIS D 73 10.02 19.17 2.34
C HIS D 73 10.64 19.78 1.09
N ILE D 74 11.78 20.46 1.26
CA ILE D 74 12.54 21.01 0.13
C ILE D 74 13.16 19.83 -0.60
N ILE D 75 13.62 18.86 0.19
CA ILE D 75 14.12 17.57 -0.36
C ILE D 75 13.41 16.44 0.45
N ASN D 76 13.35 15.24 -0.08
CA ASN D 76 12.71 14.12 0.67
C ASN D 76 13.36 12.79 0.31
N ASP D 77 12.81 11.68 0.83
CA ASP D 77 13.40 10.36 0.62
C ASP D 77 13.20 9.77 -0.78
N GLU D 78 12.28 10.37 -1.52
CA GLU D 78 12.02 9.95 -2.90
C GLU D 78 12.89 10.75 -3.87
N ASN D 79 13.11 12.01 -3.54
CA ASN D 79 13.91 12.82 -4.45
C ASN D 79 14.60 13.95 -3.71
N SER D 80 15.94 13.95 -3.78
CA SER D 80 16.74 15.02 -3.17
C SER D 80 17.66 15.63 -4.22
N ARG D 81 17.35 15.34 -5.48
CA ARG D 81 18.15 15.82 -6.62
C ARG D 81 17.96 17.32 -6.90
N MET D 82 19.07 17.96 -7.25
CA MET D 82 19.11 19.37 -7.64
C MET D 82 20.00 19.47 -8.85
N SER D 83 19.49 20.16 -9.89
CA SER D 83 20.25 20.31 -11.11
C SER D 83 21.33 21.37 -10.98
N TRP D 84 22.40 21.17 -11.71
CA TRP D 84 23.49 22.14 -11.77
C TRP D 84 23.01 23.32 -12.66
N ASN D 85 23.36 24.52 -12.26
CA ASN D 85 22.95 25.73 -12.97
C ASN D 85 23.89 26.14 -14.09
N HIS D 86 24.89 25.31 -14.35
CA HIS D 86 25.91 25.54 -15.38
C HIS D 86 26.98 26.58 -15.11
N LYS D 87 26.98 27.08 -13.88
CA LYS D 87 28.00 28.01 -13.44
C LYS D 87 29.22 27.18 -13.17
N HIS D 88 30.38 27.72 -13.54
CA HIS D 88 31.61 27.00 -13.33
C HIS D 88 32.09 27.14 -11.91
N TYR D 89 32.18 26.01 -11.21
CA TYR D 89 32.68 25.99 -9.85
C TYR D 89 34.10 25.49 -9.94
N PRO D 90 34.95 25.88 -9.00
CA PRO D 90 36.35 25.44 -8.99
C PRO D 90 36.60 23.94 -8.78
N PHE D 91 35.58 23.21 -8.31
CA PHE D 91 35.77 21.76 -8.08
C PHE D 91 34.90 20.97 -9.01
N ASP D 92 35.52 20.06 -9.77
CA ASP D 92 34.74 19.26 -10.73
C ASP D 92 33.55 18.50 -10.15
N ALA D 93 33.66 18.05 -8.88
CA ALA D 93 32.59 17.31 -8.20
C ALA D 93 31.36 18.18 -8.00
N TRP D 94 31.54 19.50 -8.10
CA TRP D 94 30.44 20.44 -7.91
C TRP D 94 29.77 20.79 -9.24
N ASN D 95 30.47 20.50 -10.34
CA ASN D 95 29.97 20.88 -11.67
C ASN D 95 29.07 19.84 -12.30
N LYS D 96 28.02 19.45 -11.56
CA LYS D 96 27.10 18.43 -11.99
C LYS D 96 25.89 18.37 -11.11
N GLU D 97 24.93 17.54 -11.52
CA GLU D 97 23.68 17.32 -10.78
C GLU D 97 24.10 16.70 -9.42
N GLN D 98 23.34 17.01 -8.37
CA GLN D 98 23.62 16.46 -7.02
C GLN D 98 22.40 15.91 -6.34
N ASP D 99 22.60 14.96 -5.38
CA ASP D 99 21.49 14.56 -4.54
C ASP D 99 22.04 14.79 -3.12
N LEU D 100 21.24 14.53 -2.10
CA LEU D 100 21.76 14.78 -0.72
C LEU D 100 23.08 14.05 -0.43
N ASN D 101 23.16 12.77 -0.81
CA ASN D 101 24.41 12.05 -0.58
C ASN D 101 25.65 12.57 -1.30
N THR D 102 25.53 12.94 -2.57
CA THR D 102 26.71 13.42 -3.27
C THR D 102 27.07 14.78 -2.73
N ALA D 103 26.05 15.56 -2.40
CA ALA D 103 26.29 16.92 -1.90
C ALA D 103 27.01 16.92 -0.57
N MET D 104 26.59 16.01 0.29
CA MET D 104 27.23 15.92 1.61
C MET D 104 28.65 15.35 1.48
N GLN D 105 28.81 14.32 0.65
CA GLN D 105 30.11 13.70 0.50
C GLN D 105 31.18 14.60 -0.09
N ASN D 106 30.77 15.37 -1.09
CA ASN D 106 31.69 16.24 -1.77
C ASN D 106 31.57 17.71 -1.33
N SER D 107 30.93 17.94 -0.16
CA SER D 107 30.71 19.26 0.49
C SER D 107 30.43 20.34 -0.60
N VAL D 108 29.32 20.09 -1.30
CA VAL D 108 28.93 20.96 -2.44
C VAL D 108 28.21 22.16 -1.84
N ASN D 109 28.94 23.25 -1.69
CA ASN D 109 28.36 24.46 -1.05
C ASN D 109 27.08 24.93 -1.70
N TRP D 110 27.01 24.89 -3.05
CA TRP D 110 25.81 25.46 -3.66
C TRP D 110 24.48 24.75 -3.37
N TYR D 111 24.56 23.45 -3.10
CA TYR D 111 23.38 22.63 -2.84
C TYR D 111 22.73 23.12 -1.56
N PHE D 112 23.56 23.28 -0.53
CA PHE D 112 23.08 23.73 0.77
C PHE D 112 22.70 25.19 0.80
N GLU D 113 23.35 25.97 -0.05
CA GLU D 113 22.99 27.40 -0.21
C GLU D 113 21.61 27.47 -0.90
N ARG D 114 21.30 26.56 -1.83
CA ARG D 114 19.96 26.55 -2.46
C ARG D 114 18.86 26.20 -1.47
N ILE D 115 19.16 25.25 -0.55
CA ILE D 115 18.22 24.88 0.50
C ILE D 115 18.01 26.07 1.44
N SER D 116 19.10 26.71 1.85
CA SER D 116 19.02 27.81 2.80
C SER D 116 18.17 28.96 2.23
N ASP D 117 18.33 29.22 0.93
CA ASP D 117 17.55 30.31 0.26
C ASP D 117 16.02 30.11 0.26
N GLN D 118 15.56 28.89 0.56
CA GLN D 118 14.13 28.57 0.62
C GLN D 118 13.57 28.49 2.05
N ILE D 119 14.46 28.67 3.04
CA ILE D 119 14.08 28.55 4.44
C ILE D 119 13.82 29.93 5.04
N PRO D 120 12.61 30.14 5.60
CA PRO D 120 12.38 31.46 6.19
C PRO D 120 13.20 31.69 7.45
N LYS D 121 13.72 32.91 7.60
CA LYS D 121 14.52 33.29 8.77
C LYS D 121 13.84 32.93 10.09
N ASN D 122 12.52 33.20 10.20
CA ASN D 122 11.86 32.84 11.48
C ASN D 122 11.87 31.34 11.81
N TYR D 123 11.82 30.50 10.77
CA TYR D 123 11.88 29.04 10.98
C TYR D 123 13.27 28.71 11.53
N THR D 124 14.29 29.24 10.89
CA THR D 124 15.65 28.95 11.36
C THR D 124 15.88 29.42 12.78
N ALA D 125 15.41 30.62 13.10
CA ALA D 125 15.61 31.15 14.46
C ALA D 125 14.93 30.25 15.51
N THR D 126 13.75 29.75 15.15
CA THR D 126 13.01 28.84 16.01
C THR D 126 13.78 27.54 16.22
N GLN D 127 14.35 27.03 15.13
CA GLN D 127 15.09 25.78 15.29
C GLN D 127 16.38 25.92 16.08
N LEU D 128 17.09 27.03 15.88
CA LEU D 128 18.38 27.22 16.58
C LEU D 128 18.15 27.40 18.08
N LYS D 129 16.99 27.98 18.38
CA LYS D 129 16.58 28.18 19.78
C LYS D 129 16.24 26.85 20.39
N GLN D 130 15.51 26.01 19.67
CA GLN D 130 15.07 24.70 20.18
C GLN D 130 16.26 23.71 20.31
N LEU D 131 17.22 23.89 19.43
CA LEU D 131 18.41 23.06 19.36
C LEU D 131 19.51 23.54 20.29
N ASN D 132 19.36 24.77 20.83
CA ASN D 132 20.39 25.44 21.62
C ASN D 132 21.70 25.51 20.79
N TYR D 133 21.55 25.91 19.52
CA TYR D 133 22.70 26.03 18.64
C TYR D 133 23.64 27.21 18.82
N GLY D 134 24.68 27.03 19.66
CA GLY D 134 25.69 28.05 19.85
C GLY D 134 25.15 29.42 20.19
N ASN D 135 25.64 30.42 19.49
CA ASN D 135 25.23 31.81 19.76
C ASN D 135 23.91 32.21 19.12
N LYS D 136 23.35 31.28 18.33
CA LYS D 136 22.09 31.45 17.58
C LYS D 136 22.03 32.75 16.75
N ASN D 137 23.20 33.29 16.38
CA ASN D 137 23.32 34.56 15.66
C ASN D 137 23.27 34.38 14.16
N LEU D 138 22.12 34.76 13.58
CA LEU D 138 21.89 34.66 12.12
C LEU D 138 22.45 35.78 11.26
N GLY D 139 22.84 36.87 11.91
CA GLY D 139 23.42 37.99 11.19
C GLY D 139 22.54 38.51 10.09
N SER D 140 23.12 38.68 8.89
CA SER D 140 22.39 39.15 7.70
C SER D 140 21.57 38.05 7.05
N TYR D 141 21.72 36.83 7.58
CA TYR D 141 21.00 35.65 7.10
C TYR D 141 21.39 35.30 5.66
N LYS D 142 22.65 35.55 5.30
CA LYS D 142 23.20 35.22 3.96
C LYS D 142 24.52 34.42 4.20
N SER D 143 24.54 33.11 3.94
CA SER D 143 25.76 32.31 4.24
C SER D 143 26.29 32.61 5.64
N TYR D 144 25.35 32.70 6.59
CA TYR D 144 25.66 33.08 7.96
C TYR D 144 26.52 32.01 8.70
N TRP D 145 26.59 30.80 8.13
CA TRP D 145 27.42 29.74 8.75
C TRP D 145 28.87 29.70 8.25
N MET D 146 29.16 30.49 7.23
CA MET D 146 30.47 30.52 6.60
C MET D 146 31.36 31.63 7.13
N GLU D 147 32.00 31.36 8.28
CA GLU D 147 32.95 32.30 8.92
C GLU D 147 32.27 33.67 9.04
N ASP D 148 31.08 33.63 9.61
CA ASP D 148 30.31 34.82 9.79
C ASP D 148 29.74 34.97 11.16
N SER D 149 28.47 35.31 11.30
CA SER D 149 27.87 35.53 12.61
C SER D 149 27.62 34.31 13.49
N LEU D 150 27.24 33.20 12.88
CA LEU D 150 26.88 32.00 13.64
C LEU D 150 28.12 31.25 14.18
N LYS D 151 28.12 30.95 15.48
CA LYS D 151 29.28 30.29 16.10
C LYS D 151 28.82 29.28 17.10
N ILE D 152 29.59 28.19 17.26
CA ILE D 152 29.21 27.13 18.17
C ILE D 152 30.53 26.54 18.70
N SER D 153 30.50 26.02 19.93
CA SER D 153 31.71 25.41 20.48
C SER D 153 31.83 23.94 20.12
N ASN D 154 33.02 23.38 20.33
CA ASN D 154 33.21 21.95 20.03
C ASN D 154 32.34 21.11 20.96
N LEU D 155 32.24 21.49 22.26
CA LEU D 155 31.41 20.76 23.21
C LEU D 155 29.89 20.82 22.78
N GLU D 156 29.47 22.01 22.34
CA GLU D 156 28.11 22.16 21.90
C GLU D 156 27.85 21.36 20.61
N GLN D 157 28.86 21.19 19.76
CA GLN D 157 28.65 20.45 18.51
C GLN D 157 28.23 19.04 18.85
N VAL D 158 28.83 18.50 19.94
CA VAL D 158 28.48 17.15 20.37
C VAL D 158 27.14 17.11 21.06
N ILE D 159 26.92 18.05 22.01
CA ILE D 159 25.67 18.09 22.74
C ILE D 159 24.43 18.28 21.84
N VAL D 160 24.55 19.25 20.93
CA VAL D 160 23.44 19.62 20.02
C VAL D 160 23.13 18.51 18.99
N PHE D 161 24.16 17.88 18.46
CA PHE D 161 23.98 16.81 17.47
C PHE D 161 23.39 15.59 18.13
N LYS D 162 23.91 15.27 19.32
CA LYS D 162 23.38 14.13 20.07
C LYS D 162 21.92 14.34 20.41
N ASN D 163 21.58 15.52 20.93
CA ASN D 163 20.21 15.82 21.27
C ASN D 163 19.26 15.81 20.07
N MET D 164 19.72 16.37 18.96
CA MET D 164 18.89 16.42 17.76
C MET D 164 18.56 15.04 17.30
N MET D 165 19.56 14.17 17.32
CA MET D 165 19.37 12.83 16.80
C MET D 165 18.66 11.86 17.76
N GLU D 166 18.94 12.03 19.05
CA GLU D 166 18.45 11.09 20.08
C GLU D 166 17.18 11.45 20.83
N GLN D 167 16.88 12.75 20.92
CA GLN D 167 15.66 13.22 21.59
C GLN D 167 14.43 13.23 20.67
N ASN D 169 11.94 14.58 19.12
CA ASN D 169 12.04 15.87 18.45
C ASN D 169 10.86 16.03 17.50
N HIS D 170 10.72 17.24 16.97
CA HIS D 170 9.70 17.45 15.96
C HIS D 170 10.24 16.88 14.62
N PHE D 171 11.55 16.56 14.54
CA PHE D 171 12.12 15.97 13.29
C PHE D 171 11.77 14.51 13.20
N SER D 172 11.35 14.06 12.01
CA SER D 172 10.94 12.68 11.85
C SER D 172 12.06 11.65 11.85
N LYS D 173 11.73 10.38 12.09
CA LYS D 173 12.74 9.31 12.04
C LYS D 173 13.25 9.17 10.59
N LYS D 174 12.35 9.33 9.63
CA LYS D 174 12.72 9.19 8.23
C LYS D 174 13.73 10.28 7.83
N ALA D 175 13.59 11.48 8.39
CA ALA D 175 14.49 12.63 8.10
C ALA D 175 15.87 12.32 8.74
N LYS D 176 15.84 11.88 9.99
CA LYS D 176 17.07 11.48 10.69
C LYS D 176 17.79 10.33 9.99
N ASN D 177 17.05 9.34 9.50
CA ASN D 177 17.67 8.21 8.79
C ASN D 177 18.29 8.62 7.46
N GLN D 178 17.64 9.56 6.76
CA GLN D 178 18.18 10.03 5.47
C GLN D 178 19.43 10.86 5.68
N LEU D 179 19.39 11.66 6.73
CA LEU D 179 20.56 12.48 7.09
C LEU D 179 21.69 11.50 7.41
N SER D 180 21.42 10.51 8.26
CA SER D 180 22.47 9.51 8.59
C SER D 180 23.07 8.80 7.39
N SER D 181 22.22 8.41 6.44
CA SER D 181 22.74 7.77 5.22
C SER D 181 23.72 8.69 4.48
N SER D 182 23.42 9.99 4.47
CA SER D 182 24.31 10.93 3.75
C SER D 182 25.64 11.16 4.47
N LEU D 183 25.65 10.92 5.78
CA LEU D 183 26.84 11.10 6.63
C LEU D 183 27.68 9.85 6.83
N LEU D 184 27.20 8.69 6.36
CA LEU D 184 28.00 7.45 6.50
C LEU D 184 29.32 7.53 5.75
N ILE D 185 30.42 7.25 6.44
CA ILE D 185 31.74 7.33 5.81
C ILE D 185 32.35 5.95 5.69
N LYS D 186 32.19 5.18 6.76
CA LYS D 186 32.80 3.84 6.76
C LYS D 186 31.92 2.85 7.46
N LYS D 187 31.92 1.61 6.97
CA LYS D 187 31.19 0.55 7.64
C LYS D 187 32.00 -0.72 7.46
N ASN D 188 32.28 -1.36 8.59
CA ASN D 188 32.95 -2.69 8.55
C ASN D 188 32.26 -3.61 9.54
N GLU D 189 32.88 -4.77 9.82
CA GLU D 189 32.28 -5.74 10.73
C GLU D 189 32.20 -5.24 12.20
N LYS D 190 33.04 -4.25 12.52
CA LYS D 190 33.11 -3.69 13.89
C LYS D 190 32.29 -2.42 14.17
N TYR D 191 32.19 -1.53 13.16
CA TYR D 191 31.48 -0.27 13.38
C TYR D 191 30.95 0.40 12.10
N GLU D 192 30.20 1.47 12.32
CA GLU D 192 29.69 2.38 11.25
C GLU D 192 30.14 3.75 11.73
N LEU D 193 30.94 4.46 10.93
CA LEU D 193 31.41 5.81 11.31
C LEU D 193 30.69 6.81 10.41
N TYR D 194 30.12 7.86 11.02
CA TYR D 194 29.38 8.88 10.29
C TYR D 194 29.98 10.22 10.64
N GLY D 195 30.00 11.16 9.70
CA GLY D 195 30.52 12.44 10.11
C GLY D 195 30.59 13.41 8.97
N LYS D 196 30.92 14.64 9.31
CA LYS D 196 31.01 15.73 8.33
C LYS D 196 32.21 16.58 8.65
N THR D 197 32.99 16.94 7.61
CA THR D 197 34.18 17.79 7.78
C THR D 197 33.76 19.25 7.56
N GLY D 198 34.61 20.16 8.05
CA GLY D 198 34.38 21.60 7.81
C GLY D 198 35.78 22.22 7.72
N THR D 199 36.02 23.12 6.75
CA THR D 199 37.33 23.74 6.57
C THR D 199 37.11 25.22 6.21
N GLY D 200 37.74 26.12 6.96
CA GLY D 200 37.66 27.55 6.68
C GLY D 200 39.07 28.00 6.22
N ILE D 201 39.11 28.94 5.28
CA ILE D 201 40.38 29.46 4.76
C ILE D 201 40.30 30.98 4.83
N VAL D 202 41.29 31.59 5.47
CA VAL D 202 41.33 33.05 5.62
C VAL D 202 42.74 33.55 5.33
N ASN D 203 42.84 34.50 4.38
CA ASN D 203 44.12 35.07 3.91
C ASN D 203 45.06 34.00 3.28
N GLY D 204 44.47 32.97 2.68
CA GLY D 204 45.26 31.90 2.05
C GLY D 204 45.69 30.71 2.90
N LYS D 205 45.44 30.77 4.21
CA LYS D 205 45.80 29.71 5.17
C LYS D 205 44.54 29.14 5.89
N TYR D 206 44.54 27.83 6.14
CA TYR D 206 43.42 27.22 6.88
C TYR D 206 43.34 27.83 8.28
N ASN D 207 42.13 28.05 8.83
CA ASN D 207 42.06 28.69 10.16
C ASN D 207 40.99 28.12 11.08
N ASN D 208 40.24 27.13 10.60
CA ASN D 208 39.08 26.62 11.35
C ASN D 208 38.73 25.25 10.75
N GLY D 209 39.12 24.17 11.43
CA GLY D 209 38.82 22.84 10.89
C GLY D 209 37.95 22.05 11.80
N TRP D 210 37.08 21.25 11.21
CA TRP D 210 36.14 20.49 12.01
C TRP D 210 35.91 19.10 11.52
N PHE D 211 35.61 18.20 12.46
CA PHE D 211 35.07 16.88 12.06
C PHE D 211 34.05 16.56 13.12
N VAL D 212 32.78 16.47 12.74
CA VAL D 212 31.69 16.19 13.68
C VAL D 212 31.00 14.93 13.26
N GLY D 213 30.79 13.99 14.21
CA GLY D 213 30.08 12.80 13.78
C GLY D 213 29.66 11.85 14.88
N TYR D 214 29.40 10.62 14.47
CA TYR D 214 29.05 9.62 15.46
C TYR D 214 29.47 8.24 14.99
N VAL D 215 29.66 7.33 15.95
CA VAL D 215 30.07 5.97 15.57
C VAL D 215 29.14 5.00 16.27
N ILE D 216 28.74 3.97 15.52
CA ILE D 216 27.91 2.91 16.09
C ILE D 216 28.79 1.66 16.13
N THR D 217 29.00 1.09 17.31
CA THR D 217 29.76 -0.16 17.42
C THR D 217 28.77 -1.21 17.83
N ASN D 218 29.26 -2.43 18.01
CA ASN D 218 28.40 -3.54 18.43
C ASN D 218 28.02 -3.43 19.91
N HIS D 219 28.69 -2.52 20.63
CA HIS D 219 28.50 -2.33 22.06
C HIS D 219 27.93 -0.97 22.54
N ASP D 220 28.08 0.10 21.75
CA ASP D 220 27.63 1.42 22.22
C ASP D 220 27.53 2.36 21.00
N LYS D 221 27.13 3.61 21.24
CA LYS D 221 27.04 4.61 20.15
C LYS D 221 27.74 5.83 20.75
N TYR D 222 28.66 6.43 20.00
CA TYR D 222 29.40 7.56 20.48
C TYR D 222 29.26 8.75 19.57
N TYR D 223 28.99 9.94 20.14
CA TYR D 223 28.94 11.17 19.36
C TYR D 223 30.25 11.87 19.63
N PHE D 224 30.80 12.56 18.64
CA PHE D 224 32.11 13.16 18.85
C PHE D 224 32.35 14.36 17.93
N ALA D 225 33.33 15.16 18.27
CA ALA D 225 33.74 16.26 17.41
C ALA D 225 35.16 16.71 17.71
N THR D 226 35.91 17.00 16.66
CA THR D 226 37.25 17.56 16.81
C THR D 226 37.21 18.93 16.16
N HIS D 227 37.82 19.90 16.84
CA HIS D 227 37.94 21.23 16.28
C HIS D 227 39.42 21.58 16.25
N LEU D 228 39.91 22.08 15.12
CA LEU D 228 41.28 22.57 15.02
C LEU D 228 41.29 24.09 14.81
N SER D 229 42.19 24.78 15.53
CA SER D 229 42.31 26.21 15.47
C SER D 229 43.66 26.72 14.98
N ASP D 230 44.70 25.88 15.05
CA ASP D 230 46.06 26.24 14.61
C ASP D 230 46.82 25.03 14.09
N GLY D 231 47.95 25.28 13.41
CA GLY D 231 48.79 24.23 12.84
C GLY D 231 48.41 24.17 11.37
N LYS D 232 47.79 23.06 10.96
CA LYS D 232 47.22 22.88 9.62
C LYS D 232 45.73 22.54 9.97
N PRO D 233 44.92 23.55 10.34
CA PRO D 233 43.53 23.30 10.71
C PRO D 233 42.48 23.10 9.64
N SER D 234 42.61 22.00 8.93
CA SER D 234 41.65 21.65 7.87
C SER D 234 40.65 20.60 8.42
N GLY D 235 39.57 20.38 7.69
CA GLY D 235 38.58 19.36 8.05
C GLY D 235 39.25 17.99 7.88
N LYS D 236 40.17 17.94 6.91
CA LYS D 236 40.91 16.70 6.60
C LYS D 236 41.74 16.25 7.77
N ASN D 237 42.39 17.21 8.39
CA ASN D 237 43.21 16.90 9.54
C ASN D 237 42.37 16.65 10.75
N ALA D 238 41.24 17.36 10.87
CA ALA D 238 40.38 17.09 12.05
C ALA D 238 39.82 15.68 12.00
N GLU D 239 39.57 15.21 10.75
CA GLU D 239 39.05 13.87 10.56
C GLU D 239 40.11 12.81 10.93
N LEU D 240 41.35 13.04 10.50
CA LEU D 240 42.45 12.08 10.77
C LEU D 240 42.72 11.98 12.27
N ILE D 241 42.72 13.15 12.92
CA ILE D 241 42.92 13.24 14.39
C ILE D 241 41.80 12.52 15.14
N SER D 242 40.56 12.73 14.70
CA SER D 242 39.42 12.07 15.29
C SER D 242 39.54 10.54 15.19
N GLU D 243 39.87 10.08 13.98
CA GLU D 243 40.02 8.65 13.76
C GLU D 243 41.16 8.02 14.61
N LYS D 244 42.24 8.77 14.78
CA LYS D 244 43.39 8.31 15.60
C LYS D 244 42.97 8.23 17.08
N ILE D 245 42.26 9.25 17.54
CA ILE D 245 41.78 9.26 18.94
C ILE D 245 40.77 8.15 19.24
N LEU D 246 39.80 7.98 18.34
CA LEU D 246 38.78 6.95 18.50
C LEU D 246 39.38 5.52 18.50
N LYS D 247 40.41 5.32 17.68
CA LYS D 247 41.13 4.05 17.62
C LYS D 247 41.90 3.80 18.93
N GLU D 248 42.61 4.84 19.39
CA GLU D 248 43.38 4.76 20.63
C GLU D 248 42.50 4.53 21.87
N MET D 249 41.30 5.08 21.88
CA MET D 249 40.39 4.92 23.00
C MET D 249 39.63 3.59 22.97
N GLY D 250 39.87 2.81 21.92
CA GLY D 250 39.21 1.51 21.79
C GLY D 250 37.81 1.54 21.18
N VAL D 251 37.42 2.65 20.58
CA VAL D 251 36.10 2.76 19.95
C VAL D 251 36.07 2.11 18.55
N LEU D 252 37.14 2.25 17.78
CA LEU D 252 37.21 1.68 16.43
C LEU D 252 38.06 0.41 16.39
#